data_2NWI
#
_entry.id   2NWI
#
_cell.length_a   67.131
_cell.length_b   128.647
_cell.length_c   129.921
_cell.angle_alpha   90.00
_cell.angle_beta   90.00
_cell.angle_gamma   90.00
#
_symmetry.space_group_name_H-M   'P 21 21 21'
#
loop_
_entity.id
_entity.type
_entity.pdbx_description
1 polymer 'Hypothetical protein'
2 water water
#
_entity_poly.entity_id   1
_entity_poly.type   'polypeptide(L)'
_entity_poly.pdbx_seq_one_letter_code
;MSLNAIHRILMTTDGSITAIIEAVTQKKVEVETLEQKIIRADRELAELLEIDEGDEVNYRVVYLRANGEIYAKAISFTPL
KRLENSFREDLMRADIPIGKIMRKHNIEARREIRWSRVEEADLALAKELGIADRRVISRNYNIIHRGKVLINITEFFPME
RFRIEGHHHHHH
;
_entity_poly.pdbx_strand_id   A,B,C,D,E,F
#
# COMPACT_ATOMS: atom_id res chain seq x y z
N LEU A 3 -5.39 -23.62 19.09
CA LEU A 3 -5.93 -22.27 19.45
C LEU A 3 -6.93 -22.27 20.61
N ASN A 4 -6.56 -21.60 21.71
CA ASN A 4 -7.45 -21.48 22.84
C ASN A 4 -8.10 -20.09 22.86
N ALA A 5 -9.08 -19.90 23.74
CA ALA A 5 -9.83 -18.64 23.83
C ALA A 5 -8.93 -17.42 24.00
N ILE A 6 -7.90 -17.53 24.83
CA ILE A 6 -6.95 -16.44 25.06
C ILE A 6 -6.16 -16.04 23.81
N HIS A 7 -5.71 -17.03 23.03
CA HIS A 7 -5.05 -16.76 21.75
C HIS A 7 -5.96 -15.98 20.82
N ARG A 8 -7.22 -16.38 20.78
CA ARG A 8 -8.19 -15.75 19.88
C ARG A 8 -8.53 -14.33 20.32
N ILE A 9 -8.65 -14.13 21.64
CA ILE A 9 -8.72 -12.79 22.21
C ILE A 9 -7.53 -11.94 21.78
N LEU A 10 -6.32 -12.48 21.94
CA LEU A 10 -5.12 -11.72 21.57
C LEU A 10 -5.14 -11.30 20.09
N MET A 11 -5.75 -12.12 19.25
CA MET A 11 -5.73 -11.89 17.81
C MET A 11 -6.56 -10.69 17.42
N THR A 12 -7.67 -10.47 18.11
CA THR A 12 -8.61 -9.42 17.70
C THR A 12 -8.65 -8.22 18.62
N THR A 13 -8.05 -8.34 19.80
CA THR A 13 -8.29 -7.33 20.84
C THR A 13 -7.82 -5.97 20.40
N ASP A 14 -8.54 -4.93 20.82
CA ASP A 14 -8.05 -3.55 20.69
C ASP A 14 -7.84 -2.91 22.07
N GLY A 15 -7.79 -3.75 23.10
CA GLY A 15 -7.51 -3.33 24.46
C GLY A 15 -6.05 -3.52 24.81
N SER A 16 -5.67 -3.09 26.01
CA SER A 16 -4.27 -3.15 26.44
C SER A 16 -3.76 -4.57 26.54
N ILE A 17 -2.69 -4.85 25.82
CA ILE A 17 -2.08 -6.17 25.87
C ILE A 17 -1.42 -6.35 27.23
N THR A 18 -0.90 -5.27 27.77
CA THR A 18 -0.37 -5.25 29.13
C THR A 18 -1.41 -5.77 30.13
N ALA A 19 -2.60 -5.16 30.16
CA ALA A 19 -3.71 -5.68 31.00
C ALA A 19 -4.06 -7.16 30.76
N ILE A 20 -4.02 -7.60 29.49
CA ILE A 20 -4.37 -9.00 29.21
C ILE A 20 -3.33 -9.96 29.78
N ILE A 21 -2.05 -9.60 29.66
CA ILE A 21 -0.97 -10.44 30.17
C ILE A 21 -1.02 -10.52 31.72
N GLU A 22 -1.14 -9.38 32.38
CA GLU A 22 -1.35 -9.35 33.84
C GLU A 22 -2.55 -10.17 34.32
N ALA A 23 -3.62 -10.22 33.53
CA ALA A 23 -4.80 -11.03 33.89
C ALA A 23 -4.55 -12.52 33.74
N VAL A 24 -3.88 -12.89 32.65
CA VAL A 24 -3.60 -14.30 32.35
C VAL A 24 -2.59 -14.91 33.33
N THR A 25 -1.55 -14.15 33.65
CA THR A 25 -0.46 -14.63 34.50
C THR A 25 -0.69 -14.32 35.97
N GLN A 26 -1.51 -13.29 36.24
CA GLN A 26 -1.74 -12.76 37.59
C GLN A 26 -0.43 -12.18 38.19
N LYS A 27 0.48 -11.79 37.31
CA LYS A 27 1.74 -11.21 37.70
C LYS A 27 1.82 -9.83 37.08
N LYS A 28 2.58 -8.92 37.69
CA LYS A 28 2.75 -7.58 37.14
C LYS A 28 3.67 -7.67 35.91
N VAL A 29 3.38 -6.90 34.87
CA VAL A 29 4.26 -6.97 33.71
C VAL A 29 5.28 -5.89 33.79
N GLU A 30 6.52 -6.20 33.46
CA GLU A 30 7.46 -5.14 33.28
C GLU A 30 7.82 -4.92 31.84
N VAL A 31 7.73 -3.68 31.42
CA VAL A 31 7.97 -3.28 30.05
C VAL A 31 9.42 -2.92 29.93
N GLU A 32 10.15 -3.65 29.08
CA GLU A 32 11.50 -3.27 28.73
C GLU A 32 11.53 -2.65 27.35
N THR A 33 12.06 -1.42 27.26
CA THR A 33 12.41 -0.86 25.96
C THR A 33 13.81 -1.34 25.57
N LEU A 34 13.84 -2.34 24.68
CA LEU A 34 15.06 -2.92 24.17
C LEU A 34 15.86 -1.88 23.38
N GLU A 35 15.14 -1.14 22.52
CA GLU A 35 15.78 -0.11 21.72
C GLU A 35 14.79 0.93 21.25
N GLN A 36 15.29 2.16 21.17
CA GLN A 36 14.60 3.24 20.54
C GLN A 36 15.59 4.05 19.68
N LYS A 37 15.23 4.24 18.42
CA LYS A 37 16.16 4.85 17.48
C LYS A 37 15.41 5.83 16.63
N ILE A 38 16.13 6.74 15.99
CA ILE A 38 15.55 7.60 14.98
C ILE A 38 15.99 7.04 13.63
N ILE A 39 15.03 6.82 12.75
CA ILE A 39 15.36 6.39 11.38
C ILE A 39 14.69 7.33 10.38
N ARG A 40 15.22 7.39 9.16
CA ARG A 40 14.61 8.14 8.07
C ARG A 40 13.80 7.19 7.22
N ALA A 41 12.58 7.58 6.84
CA ALA A 41 11.69 6.68 6.12
C ALA A 41 12.20 6.44 4.70
N ASP A 42 12.34 5.17 4.32
CA ASP A 42 12.54 4.77 2.92
C ASP A 42 11.16 4.70 2.27
N ARG A 43 11.06 4.12 1.08
CA ARG A 43 9.83 4.24 0.33
C ARG A 43 8.71 3.45 0.98
N GLU A 44 9.00 2.24 1.45
CA GLU A 44 7.95 1.39 1.99
C GLU A 44 7.39 1.93 3.30
N LEU A 45 8.26 2.47 4.14
CA LEU A 45 7.84 3.14 5.37
C LEU A 45 7.05 4.43 5.16
N ALA A 46 7.52 5.25 4.22
CA ALA A 46 6.82 6.48 3.87
C ALA A 46 5.40 6.15 3.42
N GLU A 47 5.28 5.09 2.62
CA GLU A 47 3.96 4.54 2.22
C GLU A 47 3.13 3.96 3.37
N LEU A 48 3.76 3.16 4.21
CA LEU A 48 3.05 2.57 5.37
C LEU A 48 2.48 3.70 6.23
N LEU A 49 3.28 4.73 6.44
CA LEU A 49 2.93 5.77 7.38
C LEU A 49 2.33 6.99 6.69
N GLU A 50 2.27 6.95 5.36
CA GLU A 50 1.80 8.07 4.55
C GLU A 50 2.58 9.36 4.89
N ILE A 51 3.90 9.27 4.83
CA ILE A 51 4.75 10.43 5.12
C ILE A 51 5.71 10.55 3.96
N ASP A 52 6.60 11.52 4.04
CA ASP A 52 7.52 11.74 2.96
C ASP A 52 8.74 10.90 3.19
N GLU A 53 9.24 10.26 2.14
CA GLU A 53 10.56 9.64 2.18
C GLU A 53 11.57 10.61 2.76
N GLY A 54 12.43 10.13 3.66
CA GLY A 54 13.35 11.00 4.40
C GLY A 54 12.84 11.57 5.74
N ASP A 55 11.53 11.63 5.94
CA ASP A 55 10.99 12.02 7.26
C ASP A 55 11.49 11.13 8.40
N GLU A 56 11.68 11.75 9.56
CA GLU A 56 12.21 11.08 10.74
C GLU A 56 11.12 10.29 11.47
N VAL A 57 11.49 9.07 11.86
CA VAL A 57 10.55 8.12 12.44
C VAL A 57 11.11 7.58 13.73
N ASN A 58 10.32 7.60 14.80
CA ASN A 58 10.76 6.97 16.04
C ASN A 58 10.56 5.47 15.95
N TYR A 59 11.64 4.72 16.10
CA TYR A 59 11.60 3.25 16.01
C TYR A 59 11.80 2.65 17.39
N ARG A 60 10.85 1.84 17.85
CA ARG A 60 10.92 1.32 19.21
C ARG A 60 10.62 -0.16 19.26
N VAL A 61 11.49 -0.90 19.95
CA VAL A 61 11.30 -2.32 20.17
C VAL A 61 11.18 -2.51 21.66
N VAL A 62 10.17 -3.27 22.07
CA VAL A 62 9.82 -3.48 23.47
C VAL A 62 9.53 -4.98 23.76
N TYR A 63 9.80 -5.39 25.01
CA TYR A 63 9.32 -6.66 25.57
C TYR A 63 8.34 -6.41 26.69
N LEU A 64 7.34 -7.27 26.77
CA LEU A 64 6.48 -7.35 27.95
C LEU A 64 6.86 -8.62 28.66
N ARG A 65 7.46 -8.44 29.83
CA ARG A 65 7.79 -9.58 30.66
C ARG A 65 6.87 -9.72 31.87
N ALA A 66 6.52 -10.95 32.17
CA ALA A 66 5.77 -11.30 33.36
C ALA A 66 6.52 -12.49 33.91
N ASN A 67 6.84 -12.46 35.19
CA ASN A 67 7.89 -13.33 35.72
C ASN A 67 9.15 -12.77 35.10
N GLY A 68 9.94 -13.65 34.52
CA GLY A 68 11.09 -13.22 33.73
C GLY A 68 10.90 -13.55 32.26
N GLU A 69 9.74 -14.13 31.93
CA GLU A 69 9.45 -14.60 30.58
C GLU A 69 8.80 -13.52 29.67
N ILE A 70 9.16 -13.55 28.40
CA ILE A 70 8.61 -12.58 27.46
C ILE A 70 7.23 -13.05 26.99
N TYR A 71 6.21 -12.25 27.27
CA TYR A 71 4.85 -12.61 26.84
C TYR A 71 4.48 -11.91 25.53
N ALA A 72 5.19 -10.82 25.22
CA ALA A 72 5.03 -10.07 23.98
C ALA A 72 6.28 -9.28 23.60
N LYS A 73 6.49 -9.18 22.29
CA LYS A 73 7.44 -8.26 21.64
C LYS A 73 6.64 -7.32 20.73
N ALA A 74 6.89 -6.02 20.85
CA ALA A 74 6.20 -5.01 20.06
C ALA A 74 7.21 -4.10 19.38
N ILE A 75 7.00 -3.86 18.10
CA ILE A 75 7.82 -2.99 17.30
C ILE A 75 6.95 -1.88 16.74
N SER A 76 7.30 -0.63 17.06
CA SER A 76 6.51 0.50 16.64
C SER A 76 7.29 1.56 15.84
N PHE A 77 6.60 2.14 14.86
CA PHE A 77 7.12 3.24 14.07
C PHE A 77 6.22 4.46 14.23
N THR A 78 6.80 5.58 14.59
CA THR A 78 6.01 6.78 14.91
C THR A 78 6.69 7.96 14.22
N PRO A 79 6.00 8.57 13.23
CA PRO A 79 6.61 9.68 12.55
C PRO A 79 6.67 10.88 13.49
N LEU A 80 7.86 11.41 13.69
CA LEU A 80 8.06 12.53 14.59
C LEU A 80 7.25 13.77 14.24
N LYS A 81 6.98 13.99 12.96
CA LYS A 81 6.25 15.20 12.53
C LYS A 81 4.76 15.16 12.89
N ARG A 82 4.29 13.98 13.27
CA ARG A 82 2.87 13.83 13.53
C ARG A 82 2.51 14.04 15.00
N LEU A 83 3.46 14.60 15.75
CA LEU A 83 3.38 14.62 17.19
C LEU A 83 3.38 16.05 17.69
N GLU A 84 2.50 16.34 18.65
CA GLU A 84 2.62 17.59 19.40
C GLU A 84 3.87 17.53 20.30
N ASN A 85 4.38 18.70 20.69
CA ASN A 85 5.62 18.82 21.49
C ASN A 85 5.73 17.94 22.72
N SER A 86 4.75 18.02 23.61
CA SER A 86 4.82 17.23 24.85
C SER A 86 4.66 15.73 24.61
N PHE A 87 3.85 15.37 23.61
CA PHE A 87 3.73 13.94 23.19
C PHE A 87 5.09 13.45 22.70
N ARG A 88 5.68 14.22 21.80
CA ARG A 88 6.98 13.87 21.25
C ARG A 88 8.04 13.70 22.33
N GLU A 89 8.15 14.66 23.24
CA GLU A 89 9.14 14.57 24.32
C GLU A 89 8.94 13.33 25.20
N ASP A 90 7.67 13.00 25.50
CA ASP A 90 7.36 11.77 26.27
C ASP A 90 7.81 10.52 25.54
N LEU A 91 7.67 10.54 24.22
CA LEU A 91 8.11 9.42 23.41
C LEU A 91 9.63 9.33 23.48
N MET A 92 10.29 10.49 23.34
CA MET A 92 11.75 10.56 23.45
C MET A 92 12.30 10.13 24.84
N ARG A 93 11.47 10.26 25.89
CA ARG A 93 11.82 9.77 27.25
C ARG A 93 12.04 8.25 27.29
N ALA A 94 11.45 7.56 26.33
CA ALA A 94 11.73 6.13 26.06
C ALA A 94 11.22 5.09 27.08
N ASP A 95 11.04 5.48 28.33
CA ASP A 95 10.62 4.51 29.35
C ASP A 95 9.12 4.62 29.71
N ILE A 96 8.41 5.53 29.05
CA ILE A 96 6.98 5.67 29.25
C ILE A 96 6.25 4.89 28.13
N PRO A 97 5.58 3.77 28.47
CA PRO A 97 4.90 2.99 27.43
C PRO A 97 4.02 3.84 26.54
N ILE A 98 3.91 3.47 25.28
CA ILE A 98 3.07 4.19 24.33
C ILE A 98 1.60 4.35 24.80
N GLY A 99 1.06 3.32 25.44
CA GLY A 99 -0.31 3.36 25.94
C GLY A 99 -0.50 4.44 26.97
N LYS A 100 0.49 4.60 27.85
CA LYS A 100 0.45 5.60 28.90
C LYS A 100 0.58 6.99 28.31
N ILE A 101 1.46 7.13 27.32
CA ILE A 101 1.61 8.42 26.65
C ILE A 101 0.29 8.86 26.08
N MET A 102 -0.43 7.94 25.45
CA MET A 102 -1.68 8.33 24.83
C MET A 102 -2.80 8.69 25.79
N ARG A 103 -2.89 7.96 26.89
CA ARG A 103 -3.78 8.27 28.00
C ARG A 103 -3.48 9.65 28.55
N LYS A 104 -2.19 9.87 28.85
CA LYS A 104 -1.71 11.13 29.42
C LYS A 104 -2.13 12.31 28.55
N HIS A 105 -2.10 12.12 27.23
CA HIS A 105 -2.46 13.23 26.35
C HIS A 105 -3.90 13.15 25.81
N ASN A 106 -4.68 12.22 26.36
CA ASN A 106 -6.10 12.11 25.99
C ASN A 106 -6.30 11.91 24.48
N ILE A 107 -5.45 11.09 23.88
CA ILE A 107 -5.52 10.83 22.46
C ILE A 107 -6.73 9.97 22.09
N GLU A 108 -7.60 10.54 21.27
CA GLU A 108 -8.70 9.81 20.64
C GLU A 108 -8.19 9.23 19.34
N ALA A 109 -8.55 8.00 19.05
CA ALA A 109 -8.03 7.27 17.91
C ALA A 109 -8.99 6.18 17.45
N ARG A 110 -8.66 5.57 16.31
CA ARG A 110 -9.27 4.32 15.89
C ARG A 110 -8.12 3.44 15.35
N ARG A 111 -8.42 2.17 15.13
CA ARG A 111 -7.43 1.21 14.68
C ARG A 111 -7.79 0.65 13.32
N GLU A 112 -6.77 0.43 12.50
CA GLU A 112 -6.90 -0.36 11.27
C GLU A 112 -5.92 -1.50 11.32
N ILE A 113 -6.48 -2.71 11.35
CA ILE A 113 -5.71 -3.93 11.36
C ILE A 113 -5.19 -4.18 9.97
N ARG A 114 -3.93 -4.57 9.89
CA ARG A 114 -3.30 -4.85 8.60
C ARG A 114 -3.09 -6.34 8.41
N TRP A 115 -2.65 -7.02 9.47
CA TRP A 115 -2.73 -8.48 9.56
C TRP A 115 -2.89 -8.95 11.00
N SER A 116 -3.52 -10.12 11.17
CA SER A 116 -3.52 -10.86 12.43
C SER A 116 -3.54 -12.34 12.08
N ARG A 117 -2.49 -13.06 12.44
CA ARG A 117 -2.27 -14.40 11.92
C ARG A 117 -1.41 -15.24 12.84
N VAL A 118 -1.56 -16.56 12.72
CA VAL A 118 -0.65 -17.51 13.35
C VAL A 118 0.49 -17.84 12.40
N GLU A 119 1.70 -17.81 12.92
CA GLU A 119 2.93 -18.26 12.25
C GLU A 119 3.82 -18.89 13.34
N GLU A 120 4.87 -19.68 13.07
CA GLU A 120 5.66 -19.75 11.86
C GLU A 120 6.88 -18.89 12.15
N ALA A 121 7.35 -18.95 13.41
CA ALA A 121 8.45 -18.09 13.85
C ALA A 121 9.79 -18.62 13.39
N ASP A 122 10.59 -17.77 12.77
CA ASP A 122 11.92 -18.16 12.34
C ASP A 122 12.79 -18.50 13.57
N LEU A 123 13.96 -19.09 13.34
CA LEU A 123 14.82 -19.59 14.42
C LEU A 123 15.26 -18.49 15.39
N ALA A 124 15.63 -17.32 14.86
CA ALA A 124 16.12 -16.20 15.68
C ALA A 124 15.05 -15.64 16.63
N LEU A 125 13.82 -15.51 16.15
CA LEU A 125 12.73 -15.03 16.99
C LEU A 125 12.39 -16.07 18.06
N ALA A 126 12.33 -17.34 17.66
CA ALA A 126 12.17 -18.46 18.58
C ALA A 126 13.23 -18.46 19.71
N LYS A 127 14.51 -18.36 19.36
CA LYS A 127 15.60 -18.23 20.35
C LYS A 127 15.43 -16.98 21.22
N GLU A 128 14.99 -15.89 20.60
CA GLU A 128 14.84 -14.62 21.30
C GLU A 128 13.74 -14.69 22.36
N LEU A 129 12.68 -15.45 22.06
CA LEU A 129 11.56 -15.56 22.99
C LEU A 129 11.75 -16.72 23.98
N GLY A 130 12.62 -17.65 23.61
CA GLY A 130 12.94 -18.83 24.42
C GLY A 130 11.85 -19.87 24.32
N ILE A 131 11.39 -20.16 23.11
CA ILE A 131 10.23 -21.05 22.93
C ILE A 131 10.53 -22.36 22.19
N ALA A 132 10.03 -23.45 22.76
CA ALA A 132 10.13 -24.80 22.17
C ALA A 132 9.17 -24.95 21.00
N ASP A 133 7.87 -24.81 21.27
CA ASP A 133 6.87 -24.69 20.21
C ASP A 133 6.98 -23.28 19.62
N ARG A 134 7.15 -23.20 18.31
CA ARG A 134 7.58 -21.97 17.66
C ARG A 134 6.43 -21.06 17.19
N ARG A 135 5.20 -21.59 17.24
CA ARG A 135 4.02 -20.80 16.84
C ARG A 135 3.88 -19.49 17.64
N VAL A 136 3.65 -18.40 16.91
CA VAL A 136 3.38 -17.09 17.48
C VAL A 136 2.17 -16.48 16.79
N ILE A 137 1.43 -15.64 17.52
CA ILE A 137 0.46 -14.74 16.90
C ILE A 137 1.22 -13.49 16.47
N SER A 138 1.10 -13.15 15.20
CA SER A 138 1.71 -11.95 14.67
C SER A 138 0.60 -11.03 14.19
N ARG A 139 0.62 -9.78 14.66
CA ARG A 139 -0.34 -8.78 14.17
C ARG A 139 0.33 -7.45 13.89
N ASN A 140 -0.29 -6.68 13.01
CA ASN A 140 0.19 -5.36 12.67
C ASN A 140 -1.02 -4.51 12.51
N TYR A 141 -1.03 -3.35 13.16
CA TYR A 141 -2.10 -2.41 12.95
C TYR A 141 -1.59 -1.00 12.96
N ASN A 142 -2.36 -0.08 12.36
CA ASN A 142 -2.13 1.35 12.49
C ASN A 142 -3.06 1.98 13.48
N ILE A 143 -2.52 2.93 14.26
CA ILE A 143 -3.33 3.80 15.08
C ILE A 143 -3.54 5.05 14.26
N ILE A 144 -4.79 5.39 14.08
CA ILE A 144 -5.18 6.52 13.28
C ILE A 144 -5.67 7.58 14.22
N HIS A 145 -5.11 8.77 14.06
CA HIS A 145 -5.51 9.88 14.85
C HIS A 145 -5.59 11.09 13.94
N ARG A 146 -6.69 11.84 14.08
CA ARG A 146 -6.97 12.99 13.24
C ARG A 146 -6.89 12.57 11.76
N GLY A 147 -7.33 11.35 11.48
CA GLY A 147 -7.35 10.85 10.11
C GLY A 147 -6.01 10.41 9.53
N LYS A 148 -4.95 10.50 10.35
CA LYS A 148 -3.61 10.11 9.91
C LYS A 148 -2.98 9.00 10.72
N VAL A 149 -1.98 8.33 10.16
CA VAL A 149 -1.28 7.26 10.86
C VAL A 149 -0.43 7.89 11.97
N LEU A 150 -0.82 7.66 13.21
CA LEU A 150 -0.04 8.13 14.34
C LEU A 150 1.11 7.17 14.57
N ILE A 151 0.78 5.88 14.62
CA ILE A 151 1.77 4.84 14.94
C ILE A 151 1.39 3.60 14.17
N ASN A 152 2.40 2.89 13.65
CA ASN A 152 2.19 1.51 13.19
C ASN A 152 2.85 0.57 14.19
N ILE A 153 2.13 -0.47 14.60
CA ILE A 153 2.59 -1.39 15.62
C ILE A 153 2.55 -2.85 15.14
N THR A 154 3.67 -3.56 15.28
CA THR A 154 3.75 -5.00 15.07
C THR A 154 3.88 -5.68 16.41
N GLU A 155 3.17 -6.79 16.62
CA GLU A 155 3.20 -7.51 17.90
C GLU A 155 3.30 -9.00 17.65
N PHE A 156 4.20 -9.65 18.41
CA PHE A 156 4.39 -11.10 18.42
C PHE A 156 4.05 -11.62 19.82
N PHE A 157 3.12 -12.57 19.89
CA PHE A 157 2.83 -13.25 21.16
C PHE A 157 3.15 -14.72 20.99
N PRO A 158 4.08 -15.26 21.81
CA PRO A 158 4.37 -16.71 21.78
C PRO A 158 3.20 -17.52 22.31
N MET A 159 2.62 -18.35 21.45
CA MET A 159 1.41 -19.05 21.82
C MET A 159 1.57 -19.94 23.06
N GLU A 160 2.79 -20.42 23.25
CA GLU A 160 3.23 -21.29 24.34
C GLU A 160 2.93 -20.74 25.75
N ARG A 161 2.97 -19.42 25.87
CA ARG A 161 2.92 -18.76 27.17
C ARG A 161 1.47 -18.51 27.60
N PHE A 162 0.53 -18.80 26.70
CA PHE A 162 -0.89 -18.49 26.93
C PHE A 162 -1.83 -19.70 26.98
N LEU B 3 -12.49 -16.74 39.74
CA LEU B 3 -12.21 -15.97 38.46
C LEU B 3 -11.21 -16.68 37.58
N ASN B 4 -11.65 -17.15 36.42
CA ASN B 4 -10.75 -17.70 35.40
C ASN B 4 -10.10 -16.58 34.56
N ALA B 5 -9.25 -16.96 33.61
CA ALA B 5 -8.43 -16.00 32.84
C ALA B 5 -9.26 -15.05 32.00
N ILE B 6 -10.34 -15.55 31.39
CA ILE B 6 -11.31 -14.70 30.66
C ILE B 6 -11.97 -13.72 31.61
N HIS B 7 -12.41 -14.22 32.76
CA HIS B 7 -13.03 -13.36 33.78
C HIS B 7 -12.09 -12.24 34.14
N ARG B 8 -10.82 -12.54 34.34
CA ARG B 8 -9.89 -11.51 34.78
C ARG B 8 -9.63 -10.47 33.66
N ILE B 9 -9.64 -10.91 32.40
CA ILE B 9 -9.48 -10.00 31.27
C ILE B 9 -10.68 -9.09 31.19
N LEU B 10 -11.85 -9.64 31.48
CA LEU B 10 -13.07 -8.85 31.50
C LEU B 10 -13.05 -7.81 32.61
N MET B 11 -12.43 -8.15 33.73
CA MET B 11 -12.35 -7.26 34.88
C MET B 11 -11.50 -6.01 34.61
N THR B 12 -10.53 -6.13 33.69
CA THR B 12 -9.55 -5.05 33.42
C THR B 12 -9.46 -4.48 32.01
N THR B 13 -10.10 -5.08 31.01
CA THR B 13 -9.84 -4.63 29.64
C THR B 13 -10.50 -3.30 29.30
N ASP B 14 -9.90 -2.58 28.37
CA ASP B 14 -10.52 -1.41 27.78
C ASP B 14 -10.80 -1.65 26.30
N GLY B 15 -10.70 -2.90 25.88
CA GLY B 15 -10.97 -3.25 24.49
C GLY B 15 -12.45 -3.56 24.29
N SER B 16 -12.83 -3.74 23.03
CA SER B 16 -14.19 -4.10 22.65
C SER B 16 -14.65 -5.38 23.31
N ILE B 17 -15.77 -5.33 24.01
CA ILE B 17 -16.35 -6.53 24.61
C ILE B 17 -16.97 -7.47 23.55
N THR B 18 -17.42 -6.91 22.42
CA THR B 18 -17.92 -7.72 21.32
C THR B 18 -16.80 -8.57 20.70
N ALA B 19 -15.61 -8.01 20.56
CA ALA B 19 -14.48 -8.75 20.02
C ALA B 19 -14.07 -9.91 20.95
N ILE B 20 -14.21 -9.70 22.26
CA ILE B 20 -13.91 -10.77 23.23
C ILE B 20 -14.92 -11.90 23.11
N ILE B 21 -16.20 -11.55 23.14
CA ILE B 21 -17.29 -12.50 22.96
C ILE B 21 -17.12 -13.29 21.63
N GLU B 22 -16.79 -12.61 20.54
CA GLU B 22 -16.61 -13.26 19.24
C GLU B 22 -15.40 -14.20 19.24
N ALA B 23 -14.29 -13.78 19.86
CA ALA B 23 -13.12 -14.65 20.05
C ALA B 23 -13.36 -15.86 20.96
N VAL B 24 -14.17 -15.71 22.00
CA VAL B 24 -14.43 -16.80 22.91
C VAL B 24 -15.37 -17.81 22.24
N THR B 25 -16.45 -17.31 21.66
CA THR B 25 -17.48 -18.16 21.11
C THR B 25 -17.15 -18.63 19.70
N GLN B 26 -16.24 -17.93 19.03
CA GLN B 26 -16.05 -18.07 17.58
C GLN B 26 -17.36 -17.89 16.77
N LYS B 27 -18.27 -17.08 17.30
CA LYS B 27 -19.49 -16.72 16.58
C LYS B 27 -19.64 -15.21 16.56
N LYS B 28 -20.39 -14.70 15.60
CA LYS B 28 -20.70 -13.28 15.51
C LYS B 28 -21.74 -12.91 16.56
N VAL B 29 -21.55 -11.74 17.17
CA VAL B 29 -22.50 -11.23 18.15
C VAL B 29 -23.73 -10.66 17.45
N GLU B 30 -24.88 -11.06 17.98
CA GLU B 30 -26.15 -10.51 17.57
C GLU B 30 -26.70 -9.66 18.70
N VAL B 31 -27.08 -8.43 18.37
CA VAL B 31 -27.65 -7.49 19.33
C VAL B 31 -29.17 -7.45 19.26
N GLU B 32 -29.83 -7.67 20.39
CA GLU B 32 -31.28 -7.47 20.50
C GLU B 32 -31.57 -6.21 21.35
N THR B 33 -32.37 -5.28 20.82
CA THR B 33 -32.76 -4.10 21.58
C THR B 33 -34.02 -4.37 22.41
N LEU B 34 -33.94 -4.12 23.71
CA LEU B 34 -35.03 -4.40 24.66
C LEU B 34 -35.84 -3.17 25.01
N GLU B 35 -35.16 -2.03 25.05
CA GLU B 35 -35.79 -0.71 25.07
C GLU B 35 -34.90 0.33 24.40
N GLN B 36 -35.55 1.31 23.79
CA GLN B 36 -34.89 2.51 23.26
C GLN B 36 -35.87 3.65 23.42
N LYS B 37 -35.48 4.65 24.21
CA LYS B 37 -36.31 5.78 24.56
C LYS B 37 -35.44 7.02 24.58
N ILE B 38 -36.02 8.16 24.22
CA ILE B 38 -35.40 9.44 24.50
C ILE B 38 -35.90 9.89 25.86
N ILE B 39 -34.98 10.12 26.79
CA ILE B 39 -35.35 10.60 28.13
C ILE B 39 -34.66 11.92 28.38
N ARG B 40 -35.18 12.67 29.36
CA ARG B 40 -34.53 13.89 29.81
C ARG B 40 -33.57 13.58 30.93
N ALA B 41 -32.35 14.10 30.80
CA ALA B 41 -31.31 13.96 31.81
C ALA B 41 -31.70 14.63 33.13
N ASP B 42 -31.68 13.87 34.22
CA ASP B 42 -31.72 14.44 35.56
C ASP B 42 -30.33 14.99 35.95
N ARG B 43 -30.21 15.54 37.16
CA ARG B 43 -28.97 16.20 37.58
C ARG B 43 -27.80 15.23 37.53
N GLU B 44 -27.94 14.06 38.16
CA GLU B 44 -26.83 13.12 38.23
C GLU B 44 -26.44 12.61 36.84
N LEU B 45 -27.43 12.38 35.97
CA LEU B 45 -27.14 11.90 34.64
C LEU B 45 -26.46 13.02 33.81
N ALA B 46 -26.95 14.25 33.99
CA ALA B 46 -26.33 15.42 33.38
C ALA B 46 -24.86 15.53 33.76
N GLU B 47 -24.55 15.30 35.04
CA GLU B 47 -23.16 15.34 35.51
C GLU B 47 -22.33 14.25 34.81
N LEU B 48 -22.82 13.01 34.82
CA LEU B 48 -22.10 11.90 34.17
C LEU B 48 -21.81 12.14 32.69
N LEU B 49 -22.75 12.73 31.98
CA LEU B 49 -22.67 12.85 30.53
C LEU B 49 -22.08 14.19 30.12
N GLU B 50 -21.78 15.00 31.12
CA GLU B 50 -21.35 16.40 30.98
CA GLU B 50 -21.29 16.37 30.92
C GLU B 50 -22.19 17.20 30.00
N ILE B 51 -23.48 17.29 30.36
CA ILE B 51 -24.47 18.02 29.60
C ILE B 51 -25.31 18.74 30.65
N ASP B 52 -26.32 19.49 30.21
CA ASP B 52 -27.17 20.23 31.13
C ASP B 52 -28.35 19.35 31.55
N GLU B 53 -28.84 19.56 32.77
CA GLU B 53 -30.06 18.91 33.25
C GLU B 53 -31.17 19.27 32.30
N GLY B 54 -31.99 18.28 31.93
CA GLY B 54 -33.04 18.49 30.95
C GLY B 54 -32.66 18.27 29.49
N ASP B 55 -31.37 18.04 29.21
CA ASP B 55 -30.95 17.68 27.85
C ASP B 55 -31.41 16.29 27.49
N GLU B 56 -31.62 16.07 26.20
CA GLU B 56 -32.15 14.82 25.72
C GLU B 56 -31.05 13.76 25.63
N VAL B 57 -31.38 12.54 26.06
CA VAL B 57 -30.43 11.43 26.05
C VAL B 57 -31.13 10.18 25.54
N ASN B 58 -30.45 9.47 24.65
CA ASN B 58 -30.91 8.22 24.14
C ASN B 58 -30.55 7.10 25.10
N TYR B 59 -31.59 6.47 25.65
CA TYR B 59 -31.46 5.41 26.63
C TYR B 59 -31.74 4.08 25.97
N ARG B 60 -30.75 3.19 25.95
CA ARG B 60 -30.90 1.91 25.27
C ARG B 60 -30.51 0.73 26.18
N VAL B 61 -31.32 -0.32 26.14
CA VAL B 61 -31.00 -1.55 26.86
C VAL B 61 -30.97 -2.67 25.83
N VAL B 62 -29.89 -3.45 25.86
CA VAL B 62 -29.68 -4.53 24.91
C VAL B 62 -29.16 -5.83 25.52
N TYR B 63 -29.39 -6.93 24.78
CA TYR B 63 -28.59 -8.14 24.94
C TYR B 63 -27.62 -8.27 23.79
N LEU B 64 -26.40 -8.72 24.12
CA LEU B 64 -25.47 -9.22 23.12
C LEU B 64 -25.49 -10.76 23.17
N ARG B 65 -25.93 -11.37 22.07
CA ARG B 65 -25.96 -12.83 21.98
C ARG B 65 -24.87 -13.34 21.06
N ALA B 66 -24.45 -14.58 21.32
CA ALA B 66 -23.42 -15.28 20.54
C ALA B 66 -23.76 -16.76 20.72
N ASN B 67 -23.64 -17.55 19.66
CA ASN B 67 -24.20 -18.92 19.68
C ASN B 67 -25.72 -18.75 19.58
N GLY B 68 -26.40 -18.74 20.73
CA GLY B 68 -27.77 -18.25 20.80
C GLY B 68 -28.08 -17.84 22.23
N GLU B 69 -27.01 -17.65 23.00
CA GLU B 69 -27.08 -17.31 24.42
C GLU B 69 -26.57 -15.90 24.67
N ILE B 70 -27.15 -15.30 25.71
CA ILE B 70 -26.81 -13.96 26.17
C ILE B 70 -25.47 -13.95 26.90
N TYR B 71 -24.49 -13.25 26.35
CA TYR B 71 -23.18 -13.06 26.98
C TYR B 71 -23.01 -11.68 27.66
N ALA B 72 -23.84 -10.72 27.29
CA ALA B 72 -23.88 -9.45 27.99
C ALA B 72 -25.27 -8.84 27.93
N LYS B 73 -25.59 -8.08 28.98
CA LYS B 73 -26.66 -7.13 28.95
C LYS B 73 -26.03 -5.73 29.11
N ALA B 74 -26.45 -4.79 28.29
CA ALA B 74 -25.78 -3.49 28.25
C ALA B 74 -26.79 -2.38 28.21
N ILE B 75 -26.53 -1.37 29.02
CA ILE B 75 -27.36 -0.20 29.15
C ILE B 75 -26.51 1.04 28.79
N SER B 76 -27.00 1.83 27.84
CA SER B 76 -26.27 2.98 27.37
C SER B 76 -27.07 4.29 27.47
N PHE B 77 -26.34 5.38 27.68
CA PHE B 77 -26.90 6.70 27.64
C PHE B 77 -26.08 7.51 26.63
N THR B 78 -26.77 8.03 25.62
CA THR B 78 -26.14 8.84 24.57
C THR B 78 -26.80 10.21 24.42
N PRO B 79 -26.07 11.29 24.77
CA PRO B 79 -26.62 12.65 24.56
C PRO B 79 -26.81 12.95 23.09
N LEU B 80 -28.03 13.40 22.76
CA LEU B 80 -28.43 13.73 21.39
C LEU B 80 -27.68 14.95 20.89
N LYS B 81 -27.50 15.93 21.77
CA LYS B 81 -26.72 17.15 21.50
C LYS B 81 -25.32 16.84 20.90
N ARG B 82 -24.88 15.60 21.12
CA ARG B 82 -23.50 15.23 20.84
C ARG B 82 -23.35 14.50 19.51
N LEU B 83 -24.47 14.21 18.87
CA LEU B 83 -24.49 13.39 17.69
C LEU B 83 -24.29 14.22 16.44
N GLU B 84 -23.47 13.72 15.51
CA GLU B 84 -23.43 14.28 14.17
C GLU B 84 -24.68 13.75 13.46
N ASN B 85 -25.24 14.57 12.59
CA ASN B 85 -26.58 14.35 12.00
C ASN B 85 -26.84 13.00 11.38
N SER B 86 -25.80 12.47 10.72
CA SER B 86 -25.81 11.13 10.17
C SER B 86 -25.89 10.09 11.28
N PHE B 87 -24.96 10.21 12.23
CA PHE B 87 -24.77 9.31 13.38
C PHE B 87 -26.06 9.27 14.19
N ARG B 88 -26.73 10.43 14.27
CA ARG B 88 -28.01 10.60 14.98
C ARG B 88 -29.14 9.78 14.37
N GLU B 89 -29.26 9.81 13.05
CA GLU B 89 -30.32 9.05 12.34
C GLU B 89 -30.08 7.55 12.49
N ASP B 90 -28.82 7.16 12.65
CA ASP B 90 -28.48 5.75 12.78
C ASP B 90 -28.84 5.28 14.16
N LEU B 91 -28.79 6.20 15.12
CA LEU B 91 -29.12 5.87 16.50
C LEU B 91 -30.58 6.12 16.83
N GLY B 99 -21.34 0.16 18.91
CA GLY B 99 -20.00 0.10 18.32
C GLY B 99 -20.02 -0.03 16.80
N LYS B 100 -21.06 -0.65 16.25
CA LYS B 100 -21.19 -0.77 14.80
C LYS B 100 -21.39 0.60 14.14
N ILE B 101 -22.12 1.51 14.79
CA ILE B 101 -22.27 2.86 14.25
C ILE B 101 -20.89 3.57 14.16
N MET B 102 -19.92 3.06 14.94
CA MET B 102 -18.64 3.74 15.17
C MET B 102 -17.52 3.36 14.23
N ARG B 103 -17.36 2.06 13.98
CA ARG B 103 -16.45 1.57 12.95
C ARG B 103 -16.92 2.00 11.56
N LYS B 104 -18.24 2.07 11.40
CA LYS B 104 -18.91 2.51 10.17
C LYS B 104 -18.69 3.98 9.85
N HIS B 105 -18.66 4.81 10.88
CA HIS B 105 -18.43 6.22 10.67
C HIS B 105 -16.95 6.62 10.88
N ASN B 106 -16.08 5.65 11.07
CA ASN B 106 -14.67 5.95 11.39
C ASN B 106 -14.54 6.90 12.59
N ILE B 107 -15.28 6.64 13.66
CA ILE B 107 -15.23 7.54 14.81
C ILE B 107 -13.92 7.33 15.57
N GLU B 108 -13.19 8.42 15.77
CA GLU B 108 -12.05 8.39 16.66
C GLU B 108 -12.51 8.77 18.05
N ALA B 109 -12.08 7.98 19.02
CA ALA B 109 -12.51 8.17 20.41
C ALA B 109 -11.52 7.53 21.36
N ARG B 110 -11.73 7.76 22.65
CA ARG B 110 -11.07 6.93 23.65
C ARG B 110 -12.10 6.42 24.67
N ARG B 111 -11.67 5.41 25.40
CA ARG B 111 -12.49 4.69 26.34
C ARG B 111 -11.97 4.98 27.75
N GLU B 112 -12.88 5.29 28.67
CA GLU B 112 -12.52 5.57 30.04
C GLU B 112 -13.29 4.61 30.94
N ILE B 113 -12.63 3.56 31.40
CA ILE B 113 -13.30 2.62 32.32
C ILE B 113 -13.43 3.24 33.72
N ARG B 114 -14.67 3.50 34.10
CA ARG B 114 -14.99 4.15 35.36
C ARG B 114 -14.93 3.20 36.58
N TRP B 115 -15.42 1.97 36.39
CA TRP B 115 -15.40 0.96 37.45
CA TRP B 115 -15.31 0.94 37.41
C TRP B 115 -15.63 -0.41 36.84
N SER B 116 -15.22 -1.45 37.57
CA SER B 116 -15.61 -2.83 37.26
C SER B 116 -15.67 -3.60 38.56
N ARG B 117 -16.55 -4.59 38.64
CA ARG B 117 -16.74 -5.34 39.85
C ARG B 117 -17.40 -6.71 39.63
N VAL B 118 -17.15 -7.63 40.55
CA VAL B 118 -17.82 -8.92 40.57
C VAL B 118 -18.92 -8.76 41.59
N GLU B 119 -20.10 -9.26 41.27
CA GLU B 119 -21.24 -9.14 42.17
C GLU B 119 -22.33 -10.18 41.88
N GLU B 120 -23.21 -10.38 42.87
CA GLU B 120 -24.59 -10.86 42.65
C GLU B 120 -25.39 -9.55 42.44
N ALA B 121 -26.05 -9.34 41.30
CA ALA B 121 -26.74 -10.29 40.47
C ALA B 121 -28.07 -10.43 41.20
N ASP B 122 -28.79 -9.31 41.22
CA ASP B 122 -30.18 -9.27 41.68
C ASP B 122 -30.96 -10.42 41.05
N LEU B 123 -31.89 -10.97 41.82
CA LEU B 123 -32.63 -12.15 41.39
C LEU B 123 -33.36 -11.91 40.08
N ALA B 124 -33.75 -10.66 39.84
CA ALA B 124 -34.37 -10.26 38.57
C ALA B 124 -33.41 -10.50 37.39
N LEU B 125 -32.24 -9.91 37.48
CA LEU B 125 -31.21 -10.06 36.45
C LEU B 125 -30.85 -11.53 36.28
N ALA B 126 -30.70 -12.23 37.40
CA ALA B 126 -30.34 -13.65 37.42
C ALA B 126 -31.31 -14.48 36.58
N LYS B 127 -32.60 -14.23 36.78
CA LYS B 127 -33.66 -14.94 36.06
C LYS B 127 -33.74 -14.52 34.60
N GLU B 128 -33.65 -13.22 34.36
CA GLU B 128 -33.57 -12.65 33.02
C GLU B 128 -32.49 -13.32 32.15
N LEU B 129 -31.24 -13.33 32.65
CA LEU B 129 -30.10 -13.94 31.95
C LEU B 129 -30.17 -15.47 31.84
N GLY B 130 -30.97 -16.10 32.70
CA GLY B 130 -31.14 -17.57 32.70
C GLY B 130 -29.92 -18.29 33.22
N ILE B 131 -29.37 -17.80 34.32
CA ILE B 131 -28.13 -18.38 34.87
C ILE B 131 -28.38 -19.09 36.21
N ALA B 132 -27.58 -20.11 36.52
CA ALA B 132 -27.63 -20.82 37.80
C ALA B 132 -26.70 -20.17 38.83
N ASP B 133 -25.42 -20.07 38.44
CA ASP B 133 -24.42 -19.29 39.17
C ASP B 133 -24.74 -17.81 38.92
N ARG B 134 -25.17 -17.13 39.99
CA ARG B 134 -25.61 -15.74 39.93
C ARG B 134 -24.46 -14.71 39.87
N ARG B 135 -23.22 -15.16 39.80
CA ARG B 135 -22.13 -14.21 39.71
C ARG B 135 -22.08 -13.54 38.31
N VAL B 136 -22.03 -12.22 38.31
CA VAL B 136 -21.83 -11.41 37.12
C VAL B 136 -20.65 -10.46 37.30
N ILE B 137 -19.96 -10.17 36.20
CA ILE B 137 -19.04 -9.05 36.19
C ILE B 137 -19.81 -7.85 35.63
N SER B 138 -19.81 -6.73 36.34
CA SER B 138 -20.31 -5.50 35.74
C SER B 138 -19.25 -4.42 35.67
N ARG B 139 -19.36 -3.59 34.63
CA ARG B 139 -18.49 -2.44 34.46
C ARG B 139 -19.23 -1.24 33.86
N ASN B 140 -18.61 -0.08 33.99
CA ASN B 140 -19.13 1.16 33.42
C ASN B 140 -18.01 1.95 32.78
N TYR B 141 -18.25 2.45 31.57
CA TYR B 141 -17.25 3.25 30.88
C TYR B 141 -17.87 4.33 30.03
N ASN B 142 -17.11 5.41 29.85
CA ASN B 142 -17.40 6.43 28.89
C ASN B 142 -16.64 6.23 27.58
N ILE B 143 -17.31 6.57 26.49
CA ILE B 143 -16.67 6.75 25.20
C ILE B 143 -16.56 8.23 24.96
N ILE B 144 -15.33 8.70 24.78
CA ILE B 144 -14.99 10.14 24.79
C ILE B 144 -14.69 10.48 23.36
N HIS B 145 -15.39 11.47 22.83
CA HIS B 145 -15.23 11.92 21.45
C HIS B 145 -15.23 13.43 21.48
N ARG B 146 -14.25 14.04 20.78
CA ARG B 146 -14.01 15.48 20.82
C ARG B 146 -13.94 16.02 22.25
N GLY B 147 -13.29 15.28 23.14
CA GLY B 147 -13.10 15.73 24.51
C GLY B 147 -14.32 15.65 25.42
N LYS B 148 -15.46 15.15 24.91
CA LYS B 148 -16.66 14.99 25.74
C LYS B 148 -17.20 13.56 25.70
N VAL B 149 -17.96 13.22 26.73
CA VAL B 149 -18.69 11.96 26.79
C VAL B 149 -19.60 11.88 25.56
N LEU B 150 -19.39 10.84 24.76
CA LEU B 150 -20.30 10.52 23.68
C LEU B 150 -21.35 9.53 24.14
N ILE B 151 -20.89 8.47 24.81
CA ILE B 151 -21.78 7.44 25.38
C ILE B 151 -21.25 6.97 26.72
N ASN B 152 -22.15 6.83 27.70
CA ASN B 152 -21.85 6.07 28.90
C ASN B 152 -22.51 4.69 28.84
N ILE B 153 -21.71 3.64 29.04
CA ILE B 153 -22.18 2.26 28.92
C ILE B 153 -21.98 1.45 30.21
N THR B 154 -23.04 0.78 30.65
CA THR B 154 -22.98 -0.21 31.74
C THR B 154 -23.24 -1.61 31.18
N GLU B 155 -22.33 -2.55 31.46
CA GLU B 155 -22.36 -3.90 30.92
C GLU B 155 -22.42 -4.97 32.04
N PHE B 156 -23.15 -6.07 31.79
CA PHE B 156 -23.24 -7.19 32.73
C PHE B 156 -22.88 -8.50 32.06
N PHE B 157 -21.87 -9.19 32.57
CA PHE B 157 -21.40 -10.42 31.99
C PHE B 157 -21.67 -11.58 32.93
N PRO B 158 -22.55 -12.50 32.51
CA PRO B 158 -22.78 -13.69 33.31
C PRO B 158 -21.51 -14.51 33.35
N MET B 159 -20.91 -14.63 34.54
CA MET B 159 -19.65 -15.34 34.70
C MET B 159 -19.65 -16.79 34.22
N GLU B 160 -20.74 -17.52 34.48
CA GLU B 160 -20.80 -18.94 34.12
C GLU B 160 -20.77 -19.16 32.59
N ARG B 161 -21.07 -18.11 31.82
CA ARG B 161 -20.93 -18.19 30.36
C ARG B 161 -19.50 -18.03 29.78
N PHE B 162 -18.56 -17.59 30.61
CA PHE B 162 -17.18 -17.37 30.17
C PHE B 162 -16.26 -18.31 30.96
N LEU C 3 -28.22 33.66 -2.62
CA LEU C 3 -27.45 32.64 -3.43
C LEU C 3 -28.34 31.86 -4.36
N ASN C 4 -27.97 31.84 -5.64
CA ASN C 4 -28.65 31.03 -6.64
C ASN C 4 -28.03 29.64 -6.63
N ALA C 5 -28.59 28.69 -7.38
CA ALA C 5 -28.16 27.29 -7.35
C ALA C 5 -26.71 27.09 -7.78
N ILE C 6 -26.24 27.94 -8.69
CA ILE C 6 -24.83 27.87 -9.14
C ILE C 6 -23.90 28.21 -7.99
N HIS C 7 -24.23 29.28 -7.28
CA HIS C 7 -23.47 29.66 -6.10
C HIS C 7 -23.48 28.53 -5.09
N ARG C 8 -24.63 27.87 -4.94
CA ARG C 8 -24.75 26.83 -3.94
C ARG C 8 -23.92 25.61 -4.31
N ILE C 9 -23.88 25.27 -5.61
CA ILE C 9 -23.04 24.19 -6.12
C ILE C 9 -21.56 24.51 -5.88
N LEU C 10 -21.14 25.73 -6.24
CA LEU C 10 -19.74 26.18 -6.04
C LEU C 10 -19.26 26.11 -4.60
N MET C 11 -20.17 26.42 -3.66
CA MET C 11 -19.89 26.29 -2.24
C MET C 11 -19.46 24.88 -1.81
N THR C 12 -20.08 23.84 -2.36
CA THR C 12 -19.88 22.49 -1.83
C THR C 12 -19.20 21.50 -2.77
N THR C 13 -19.06 21.88 -4.03
CA THR C 13 -18.56 20.89 -4.98
C THR C 13 -17.12 20.47 -4.76
N ASP C 14 -16.85 19.19 -4.99
CA ASP C 14 -15.48 18.70 -5.00
C ASP C 14 -15.11 18.36 -6.44
N GLY C 15 -15.90 18.89 -7.38
CA GLY C 15 -15.63 18.72 -8.78
C GLY C 15 -14.83 19.87 -9.37
N SER C 16 -14.45 19.70 -10.63
CA SER C 16 -13.64 20.69 -11.32
C SER C 16 -14.35 22.03 -11.41
N ILE C 17 -13.71 23.07 -10.92
CA ILE C 17 -14.25 24.43 -11.06
C ILE C 17 -14.22 24.91 -12.52
N THR C 18 -13.19 24.51 -13.28
CA THR C 18 -13.09 24.82 -14.70
C THR C 18 -14.32 24.33 -15.46
N ALA C 19 -14.68 23.07 -15.24
CA ALA C 19 -15.83 22.48 -15.94
C ALA C 19 -17.08 23.26 -15.61
N ILE C 20 -17.22 23.69 -14.37
CA ILE C 20 -18.39 24.47 -14.00
C ILE C 20 -18.42 25.83 -14.70
N ILE C 21 -17.28 26.53 -14.72
CA ILE C 21 -17.22 27.85 -15.38
C ILE C 21 -17.54 27.63 -16.87
N GLU C 22 -16.91 26.62 -17.50
CA GLU C 22 -17.20 26.29 -18.91
C GLU C 22 -18.66 25.93 -19.17
N ALA C 23 -19.25 25.14 -18.28
CA ALA C 23 -20.71 24.92 -18.26
C ALA C 23 -21.52 26.24 -18.17
N VAL C 24 -21.21 27.08 -17.18
CA VAL C 24 -21.94 28.33 -16.98
C VAL C 24 -21.81 29.32 -18.15
N THR C 25 -20.61 29.43 -18.72
CA THR C 25 -20.35 30.39 -19.79
C THR C 25 -20.49 29.81 -21.17
N GLN C 26 -20.31 28.49 -21.31
CA GLN C 26 -20.25 27.85 -22.62
C GLN C 26 -19.11 28.47 -23.44
N LYS C 27 -18.03 28.84 -22.74
CA LYS C 27 -16.75 29.29 -23.34
C LYS C 27 -15.66 28.46 -22.70
N LYS C 28 -14.50 28.39 -23.36
CA LYS C 28 -13.36 27.68 -22.78
C LYS C 28 -12.75 28.55 -21.68
N VAL C 29 -12.21 27.91 -20.66
CA VAL C 29 -11.42 28.64 -19.66
C VAL C 29 -9.98 28.81 -20.16
N GLU C 30 -9.44 30.01 -19.95
CA GLU C 30 -8.03 30.28 -20.15
C GLU C 30 -7.46 30.63 -18.79
N VAL C 31 -6.44 29.88 -18.39
CA VAL C 31 -5.71 30.11 -17.16
C VAL C 31 -4.52 31.06 -17.39
N GLU C 32 -4.36 32.04 -16.52
CA GLU C 32 -3.23 32.95 -16.61
C GLU C 32 -2.42 32.91 -15.32
N THR C 33 -1.15 32.49 -15.41
CA THR C 33 -0.24 32.48 -14.28
C THR C 33 0.28 33.90 -14.05
N LEU C 34 0.06 34.41 -12.85
CA LEU C 34 0.37 35.78 -12.52
C LEU C 34 1.65 35.81 -11.71
N GLU C 35 1.82 34.78 -10.90
CA GLU C 35 2.90 34.75 -9.96
C GLU C 35 3.27 33.30 -9.73
N GLN C 36 4.57 33.04 -9.70
CA GLN C 36 5.10 31.77 -9.24
C GLN C 36 6.45 31.91 -8.56
N LYS C 37 6.51 31.46 -7.31
CA LYS C 37 7.61 31.68 -6.38
C LYS C 37 8.02 30.33 -5.82
N ILE C 38 9.27 30.19 -5.41
CA ILE C 38 9.59 29.12 -4.46
C ILE C 38 9.81 29.79 -3.11
N ILE C 39 9.01 29.36 -2.14
CA ILE C 39 9.04 29.87 -0.78
C ILE C 39 9.42 28.76 0.20
N ARG C 40 9.85 29.17 1.38
CA ARG C 40 10.09 28.26 2.45
C ARG C 40 8.89 28.32 3.37
N ALA C 41 8.37 27.15 3.71
CA ALA C 41 7.25 27.05 4.60
C ALA C 41 7.60 27.60 6.01
N ASP C 42 6.79 28.52 6.47
CA ASP C 42 6.84 28.92 7.86
C ASP C 42 6.03 27.88 8.63
N ARG C 43 5.75 28.15 9.90
CA ARG C 43 5.16 27.17 10.79
C ARG C 43 3.72 26.85 10.43
N GLU C 44 2.94 27.89 10.12
CA GLU C 44 1.56 27.74 9.68
C GLU C 44 1.45 26.84 8.43
N LEU C 45 2.28 27.12 7.43
CA LEU C 45 2.23 26.43 6.16
C LEU C 45 2.74 25.00 6.28
N ALA C 46 3.80 24.84 7.06
CA ALA C 46 4.38 23.54 7.33
C ALA C 46 3.31 22.65 7.94
N GLU C 47 2.58 23.19 8.91
CA GLU C 47 1.48 22.47 9.54
C GLU C 47 0.35 22.09 8.58
N LEU C 48 -0.08 23.04 7.77
CA LEU C 48 -1.12 22.80 6.77
C LEU C 48 -0.71 21.75 5.73
N LEU C 49 0.56 21.71 5.34
CA LEU C 49 1.02 20.77 4.30
C LEU C 49 1.66 19.52 4.90
N GLU C 50 1.80 19.57 6.22
CA GLU C 50 2.54 18.62 7.03
CA GLU C 50 2.50 18.55 6.99
C GLU C 50 3.90 18.29 6.42
N ILE C 51 4.68 19.35 6.25
CA ILE C 51 6.08 19.25 5.83
C ILE C 51 6.87 19.94 6.93
N ASP C 52 8.19 20.02 6.79
CA ASP C 52 8.99 20.68 7.80
C ASP C 52 9.10 22.17 7.57
N GLU C 53 9.15 22.92 8.67
CA GLU C 53 9.41 24.35 8.58
C GLU C 53 10.71 24.58 7.79
N GLY C 54 10.65 25.49 6.84
CA GLY C 54 11.80 25.74 5.98
C GLY C 54 11.69 25.01 4.65
N ASP C 55 10.90 23.92 4.62
CA ASP C 55 10.75 23.14 3.40
C ASP C 55 10.19 24.00 2.27
N GLU C 56 10.60 23.65 1.05
CA GLU C 56 10.32 24.45 -0.11
C GLU C 56 9.00 24.12 -0.79
N VAL C 57 8.29 25.18 -1.14
CA VAL C 57 6.94 25.07 -1.65
C VAL C 57 6.77 25.99 -2.87
N ASN C 58 6.12 25.46 -3.91
CA ASN C 58 5.69 26.26 -5.04
C ASN C 58 4.44 27.08 -4.70
N TYR C 59 4.51 28.37 -5.02
CA TYR C 59 3.43 29.31 -4.75
C TYR C 59 2.99 29.89 -6.08
N ARG C 60 1.73 29.67 -6.42
CA ARG C 60 1.25 30.11 -7.72
C ARG C 60 -0.04 30.88 -7.51
N VAL C 61 -0.17 31.99 -8.24
CA VAL C 61 -1.39 32.78 -8.31
C VAL C 61 -1.86 32.80 -9.77
N VAL C 62 -3.15 32.54 -9.98
CA VAL C 62 -3.74 32.45 -11.32
C VAL C 62 -5.11 33.10 -11.39
N TYR C 63 -5.50 33.50 -12.61
CA TYR C 63 -6.90 33.78 -12.93
C TYR C 63 -7.38 32.71 -13.86
N LEU C 64 -8.63 32.32 -13.70
CA LEU C 64 -9.32 31.55 -14.71
C LEU C 64 -10.28 32.52 -15.35
N ARG C 65 -10.08 32.73 -16.65
CA ARG C 65 -10.91 33.62 -17.46
C ARG C 65 -11.81 32.84 -18.43
N ALA C 66 -13.00 33.37 -18.63
CA ALA C 66 -13.94 32.88 -19.65
C ALA C 66 -14.53 34.16 -20.23
N ASN C 67 -14.82 34.16 -21.52
CA ASN C 67 -14.87 35.41 -22.27
C ASN C 67 -13.55 36.10 -21.94
N GLY C 68 -13.57 37.40 -21.76
CA GLY C 68 -12.38 38.04 -21.26
C GLY C 68 -12.53 38.35 -19.78
N GLU C 69 -13.39 37.60 -19.10
CA GLU C 69 -13.72 37.92 -17.74
C GLU C 69 -13.14 36.96 -16.72
N ILE C 70 -12.72 37.49 -15.57
CA ILE C 70 -12.20 36.66 -14.50
C ILE C 70 -13.34 36.00 -13.72
N TYR C 71 -13.45 34.68 -13.83
CA TYR C 71 -14.37 33.87 -13.02
C TYR C 71 -13.77 33.25 -11.76
N ALA C 72 -12.44 33.23 -11.67
CA ALA C 72 -11.81 32.81 -10.41
C ALA C 72 -10.39 33.33 -10.27
N LYS C 73 -10.04 33.63 -9.04
CA LYS C 73 -8.64 33.78 -8.62
C LYS C 73 -8.30 32.62 -7.68
N ALA C 74 -7.19 31.94 -7.96
CA ALA C 74 -6.76 30.81 -7.17
C ALA C 74 -5.30 30.94 -6.75
N ILE C 75 -5.00 30.49 -5.54
CA ILE C 75 -3.65 30.57 -4.98
C ILE C 75 -3.29 29.17 -4.48
N SER C 76 -2.16 28.63 -4.95
CA SER C 76 -1.79 27.26 -4.63
C SER C 76 -0.42 27.18 -3.95
N PHE C 77 -0.28 26.19 -3.07
CA PHE C 77 0.95 25.81 -2.37
C PHE C 77 1.17 24.33 -2.63
N THR C 78 2.31 24.03 -3.25
CA THR C 78 2.65 22.67 -3.66
C THR C 78 4.05 22.36 -3.11
N PRO C 79 4.13 21.45 -2.12
CA PRO C 79 5.46 21.08 -1.57
C PRO C 79 6.34 20.46 -2.64
N LEU C 80 7.47 21.07 -2.94
CA LEU C 80 8.36 20.52 -3.97
C LEU C 80 8.74 19.04 -3.78
N LYS C 81 8.93 18.62 -2.54
CA LYS C 81 9.36 17.25 -2.29
C LYS C 81 8.35 16.15 -2.59
N ARG C 82 7.10 16.54 -2.87
CA ARG C 82 6.06 15.56 -3.19
C ARG C 82 5.98 15.33 -4.71
N LEU C 83 6.90 15.94 -5.44
CA LEU C 83 6.73 16.04 -6.88
C LEU C 83 7.75 15.17 -7.62
N GLU C 84 7.31 14.42 -8.61
CA GLU C 84 8.24 13.74 -9.51
C GLU C 84 8.97 14.80 -10.35
N ASN C 85 10.17 14.50 -10.81
CA ASN C 85 10.94 15.49 -11.56
C ASN C 85 10.18 16.13 -12.74
N SER C 86 9.50 15.32 -13.54
CA SER C 86 8.78 15.84 -14.71
C SER C 86 7.65 16.80 -14.32
N PHE C 87 6.89 16.44 -13.28
CA PHE C 87 5.84 17.32 -12.72
C PHE C 87 6.43 18.66 -12.30
N ARG C 88 7.56 18.61 -11.60
CA ARG C 88 8.23 19.78 -11.08
C ARG C 88 8.77 20.67 -12.20
N GLU C 89 9.31 20.06 -13.26
CA GLU C 89 9.81 20.79 -14.43
C GLU C 89 8.65 21.51 -15.14
N ASP C 90 7.56 20.80 -15.40
CA ASP C 90 6.30 21.38 -15.91
C ASP C 90 5.81 22.58 -15.12
N LEU C 91 5.92 22.48 -13.80
CA LEU C 91 5.46 23.54 -12.92
C LEU C 91 6.31 24.81 -13.05
N MET C 92 7.63 24.65 -13.15
CA MET C 92 8.57 25.79 -13.26
C MET C 92 8.49 26.50 -14.61
N ARG C 93 7.97 25.81 -15.63
CA ARG C 93 7.71 26.48 -16.92
C ARG C 93 6.66 27.57 -16.80
N ALA C 94 5.74 27.42 -15.83
CA ALA C 94 4.71 28.44 -15.50
C ALA C 94 3.56 28.58 -16.50
N ASP C 95 3.67 27.96 -17.66
CA ASP C 95 2.65 28.16 -18.70
C ASP C 95 1.75 26.95 -18.90
N ILE C 96 1.95 25.92 -18.08
CA ILE C 96 1.04 24.77 -18.05
C ILE C 96 0.23 24.83 -16.75
N PRO C 97 -1.11 24.89 -16.87
CA PRO C 97 -1.94 24.95 -15.68
C PRO C 97 -1.80 23.66 -14.91
N ILE C 98 -1.83 23.75 -13.58
CA ILE C 98 -1.79 22.58 -12.70
C ILE C 98 -2.81 21.50 -13.08
N GLY C 99 -4.04 21.89 -13.41
CA GLY C 99 -5.07 20.92 -13.84
C GLY C 99 -4.60 20.13 -15.06
N LYS C 100 -3.91 20.82 -15.97
CA LYS C 100 -3.35 20.20 -17.15
C LYS C 100 -2.15 19.28 -16.86
N ILE C 101 -1.25 19.71 -15.97
CA ILE C 101 -0.11 18.87 -15.60
C ILE C 101 -0.60 17.56 -15.01
N MET C 102 -1.71 17.59 -14.30
CA MET C 102 -2.25 16.38 -13.68
C MET C 102 -3.07 15.48 -14.62
N ARG C 103 -3.74 16.07 -15.60
CA ARG C 103 -4.36 15.33 -16.69
C ARG C 103 -3.24 14.62 -17.47
N LYS C 104 -2.21 15.38 -17.80
CA LYS C 104 -1.00 14.93 -18.52
C LYS C 104 -0.38 13.67 -17.87
N HIS C 105 -0.26 13.69 -16.55
CA HIS C 105 0.38 12.59 -15.85
C HIS C 105 -0.63 11.54 -15.36
N ASN C 106 -1.89 11.66 -15.75
CA ASN C 106 -2.95 10.75 -15.27
C ASN C 106 -2.92 10.51 -13.77
N ILE C 107 -2.82 11.61 -13.01
CA ILE C 107 -2.74 11.57 -11.56
C ILE C 107 -4.09 11.23 -10.93
N GLU C 108 -4.09 10.19 -10.11
CA GLU C 108 -5.22 9.86 -9.28
C GLU C 108 -5.09 10.61 -7.96
N ALA C 109 -6.19 11.21 -7.52
CA ALA C 109 -6.17 12.05 -6.36
C ALA C 109 -7.56 12.09 -5.75
N ARG C 110 -7.68 12.69 -4.57
CA ARG C 110 -8.98 13.09 -4.03
C ARG C 110 -8.87 14.51 -3.49
N ARG C 111 -10.01 15.06 -3.12
CA ARG C 111 -10.12 16.46 -2.75
C ARG C 111 -10.83 16.55 -1.39
N GLU C 112 -10.31 17.37 -0.48
CA GLU C 112 -10.97 17.67 0.78
C GLU C 112 -11.22 19.16 0.81
N ILE C 113 -12.48 19.56 0.87
CA ILE C 113 -12.83 20.95 1.08
C ILE C 113 -12.68 21.25 2.56
N ARG C 114 -11.78 22.19 2.88
CA ARG C 114 -11.51 22.61 4.25
C ARG C 114 -12.43 23.71 4.74
N TRP C 115 -12.67 24.73 3.94
CA TRP C 115 -13.70 25.70 4.27
C TRP C 115 -14.29 26.23 3.01
N SER C 116 -15.47 26.82 3.13
CA SER C 116 -16.16 27.44 2.01
C SER C 116 -17.06 28.50 2.61
N ARG C 117 -17.04 29.72 2.08
CA ARG C 117 -17.78 30.80 2.70
C ARG C 117 -18.11 31.97 1.75
N VAL C 118 -19.19 32.69 2.04
CA VAL C 118 -19.50 33.93 1.33
C VAL C 118 -18.87 35.10 2.11
N GLU C 119 -18.25 36.01 1.39
CA GLU C 119 -17.64 37.16 2.04
C GLU C 119 -17.55 38.41 1.16
N GLU C 120 -17.29 39.55 1.79
CA GLU C 120 -17.08 40.80 1.09
C GLU C 120 -15.63 40.77 0.66
N ALA C 121 -15.38 40.82 -0.64
CA ALA C 121 -14.02 40.95 -1.13
C ALA C 121 -13.42 42.25 -0.58
N ASP C 122 -12.17 42.21 -0.16
CA ASP C 122 -11.52 43.47 0.19
C ASP C 122 -11.31 44.31 -1.07
N LEU C 123 -11.26 45.62 -0.88
CA LEU C 123 -11.11 46.59 -1.96
C LEU C 123 -10.15 46.18 -3.07
N ALA C 124 -8.97 45.68 -2.69
CA ALA C 124 -7.96 45.28 -3.66
C ALA C 124 -8.39 44.08 -4.55
N LEU C 125 -9.08 43.11 -3.95
CA LEU C 125 -9.58 41.97 -4.70
C LEU C 125 -10.76 42.36 -5.58
N ALA C 126 -11.64 43.21 -5.06
CA ALA C 126 -12.76 43.74 -5.84
C ALA C 126 -12.29 44.45 -7.10
N LYS C 127 -11.25 45.29 -6.98
CA LYS C 127 -10.67 45.98 -8.14
C LYS C 127 -9.99 45.01 -9.12
N GLU C 128 -9.27 44.04 -8.56
CA GLU C 128 -8.61 43.02 -9.37
C GLU C 128 -9.60 42.25 -10.25
N LEU C 129 -10.73 41.88 -9.66
CA LEU C 129 -11.78 41.07 -10.30
C LEU C 129 -12.71 41.92 -11.14
N GLY C 130 -12.74 43.23 -10.85
CA GLY C 130 -13.63 44.18 -11.55
C GLY C 130 -15.12 43.96 -11.25
N ILE C 131 -15.46 43.84 -9.98
CA ILE C 131 -16.83 43.57 -9.59
C ILE C 131 -17.48 44.75 -8.86
N ALA C 132 -18.75 45.04 -9.17
CA ALA C 132 -19.45 46.10 -8.46
C ALA C 132 -19.97 45.55 -7.15
N ASP C 133 -20.66 44.42 -7.23
CA ASP C 133 -21.04 43.67 -6.05
C ASP C 133 -19.80 42.98 -5.53
N ARG C 134 -19.41 43.29 -4.31
CA ARG C 134 -18.15 42.75 -3.75
C ARG C 134 -18.24 41.34 -3.20
N ARG C 135 -19.43 40.76 -3.23
CA ARG C 135 -19.60 39.40 -2.69
C ARG C 135 -18.81 38.39 -3.49
N VAL C 136 -17.95 37.65 -2.80
CA VAL C 136 -17.26 36.50 -3.39
C VAL C 136 -17.51 35.22 -2.60
N ILE C 137 -17.44 34.07 -3.26
CA ILE C 137 -17.31 32.80 -2.57
C ILE C 137 -15.80 32.45 -2.46
N SER C 138 -15.32 32.24 -1.23
CA SER C 138 -13.95 31.76 -1.05
C SER C 138 -13.92 30.38 -0.44
N ARG C 139 -13.04 29.55 -1.00
CA ARG C 139 -12.85 28.22 -0.52
C ARG C 139 -11.38 27.89 -0.36
N ASN C 140 -11.13 26.90 0.48
CA ASN C 140 -9.82 26.31 0.61
C ASN C 140 -10.00 24.82 0.57
N TYR C 141 -9.19 24.16 -0.25
CA TYR C 141 -9.23 22.73 -0.36
C TYR C 141 -7.84 22.10 -0.63
N ASN C 142 -7.67 20.89 -0.13
CA ASN C 142 -6.51 20.09 -0.46
C ASN C 142 -6.79 19.14 -1.57
N ILE C 143 -5.83 19.06 -2.47
CA ILE C 143 -5.74 17.94 -3.42
C ILE C 143 -4.78 16.97 -2.78
N ILE C 144 -5.28 15.77 -2.54
CA ILE C 144 -4.56 14.72 -1.84
C ILE C 144 -4.12 13.68 -2.84
N HIS C 145 -2.84 13.33 -2.76
CA HIS C 145 -2.26 12.30 -3.59
C HIS C 145 -1.30 11.49 -2.72
N ARG C 146 -1.31 10.16 -2.87
CA ARG C 146 -0.55 9.23 -1.99
C ARG C 146 -0.79 9.46 -0.52
N GLY C 147 -2.02 9.77 -0.13
CA GLY C 147 -2.34 9.94 1.29
C GLY C 147 -1.92 11.28 1.88
N LYS C 148 -1.40 12.16 1.01
CA LYS C 148 -0.83 13.44 1.45
C LYS C 148 -1.24 14.62 0.61
N VAL C 149 -1.07 15.82 1.18
CA VAL C 149 -1.44 17.04 0.50
C VAL C 149 -0.46 17.22 -0.65
N LEU C 150 -1.01 17.22 -1.87
CA LEU C 150 -0.21 17.47 -3.03
C LEU C 150 -0.23 18.96 -3.24
N ILE C 151 -1.45 19.53 -3.21
CA ILE C 151 -1.67 20.97 -3.43
C ILE C 151 -2.71 21.49 -2.48
N ASN C 152 -2.42 22.63 -1.84
CA ASN C 152 -3.46 23.36 -1.11
C ASN C 152 -3.87 24.57 -1.91
N ILE C 153 -5.18 24.70 -2.13
CA ILE C 153 -5.69 25.73 -3.03
C ILE C 153 -6.73 26.61 -2.33
N THR C 154 -6.54 27.93 -2.44
CA THR C 154 -7.53 28.96 -2.05
C THR C 154 -8.09 29.64 -3.31
N GLU C 155 -9.40 29.86 -3.35
CA GLU C 155 -10.10 30.30 -4.57
C GLU C 155 -11.07 31.38 -4.18
N PHE C 156 -11.25 32.35 -5.08
CA PHE C 156 -12.32 33.34 -4.94
C PHE C 156 -13.18 33.36 -6.21
N PHE C 157 -14.49 33.28 -6.03
CA PHE C 157 -15.43 33.31 -7.13
C PHE C 157 -16.27 34.57 -7.03
N PRO C 158 -16.19 35.46 -8.02
CA PRO C 158 -17.06 36.64 -8.06
C PRO C 158 -18.53 36.24 -8.24
N MET C 159 -19.33 36.40 -7.19
CA MET C 159 -20.72 35.97 -7.25
C MET C 159 -21.49 36.57 -8.44
N GLU C 160 -21.29 37.86 -8.71
CA GLU C 160 -22.08 38.55 -9.74
C GLU C 160 -21.94 37.93 -11.13
N ARG C 161 -20.85 37.20 -11.35
CA ARG C 161 -20.58 36.58 -12.65
C ARG C 161 -21.29 35.25 -12.87
N PHE C 162 -21.89 34.68 -11.82
CA PHE C 162 -22.52 33.37 -11.95
C PHE C 162 -24.05 33.41 -12.00
N LEU D 3 -31.01 23.38 -22.55
CA LEU D 3 -30.33 23.11 -21.24
C LEU D 3 -30.10 24.43 -20.52
N ASN D 4 -30.33 24.42 -19.21
CA ASN D 4 -29.80 25.48 -18.37
C ASN D 4 -28.38 25.15 -17.84
N ALA D 5 -27.81 26.06 -17.04
CA ALA D 5 -26.48 25.87 -16.45
C ALA D 5 -26.38 24.61 -15.58
N ILE D 6 -27.43 24.33 -14.81
CA ILE D 6 -27.42 23.15 -13.94
C ILE D 6 -27.28 21.92 -14.81
N HIS D 7 -28.04 21.89 -15.90
CA HIS D 7 -28.00 20.75 -16.80
C HIS D 7 -26.60 20.59 -17.35
N ARG D 8 -26.00 21.68 -17.81
CA ARG D 8 -24.66 21.63 -18.37
C ARG D 8 -23.61 21.19 -17.32
N ILE D 9 -23.74 21.67 -16.09
CA ILE D 9 -22.86 21.24 -15.00
C ILE D 9 -22.99 19.74 -14.76
N LEU D 10 -24.22 19.24 -14.72
CA LEU D 10 -24.46 17.79 -14.56
C LEU D 10 -23.81 16.95 -15.65
N MET D 11 -23.75 17.49 -16.85
CA MET D 11 -23.19 16.75 -17.98
C MET D 11 -21.71 16.48 -17.86
N THR D 12 -20.95 17.44 -17.36
CA THR D 12 -19.50 17.32 -17.28
C THR D 12 -18.91 17.21 -15.87
N THR D 13 -19.75 17.30 -14.83
CA THR D 13 -19.22 17.35 -13.48
C THR D 13 -18.51 16.04 -13.16
N ASP D 14 -17.33 16.15 -12.53
CA ASP D 14 -16.70 14.98 -11.91
C ASP D 14 -16.77 15.05 -10.37
N GLY D 15 -17.73 15.83 -9.85
CA GLY D 15 -17.96 16.01 -8.43
C GLY D 15 -19.13 15.18 -7.94
N SER D 16 -19.41 15.25 -6.64
CA SER D 16 -20.50 14.51 -6.06
C SER D 16 -21.84 15.02 -6.59
N ILE D 17 -22.61 14.11 -7.20
CA ILE D 17 -23.99 14.42 -7.60
C ILE D 17 -24.90 14.66 -6.42
N THR D 18 -24.64 13.93 -5.33
CA THR D 18 -25.38 14.15 -4.09
C THR D 18 -25.27 15.60 -3.63
N ALA D 19 -24.06 16.13 -3.57
CA ALA D 19 -23.88 17.52 -3.18
C ALA D 19 -24.53 18.47 -4.20
N ILE D 20 -24.44 18.14 -5.49
CA ILE D 20 -25.11 18.98 -6.49
C ILE D 20 -26.62 19.02 -6.30
N ILE D 21 -27.24 17.86 -6.04
CA ILE D 21 -28.71 17.85 -5.79
C ILE D 21 -29.08 18.56 -4.49
N GLU D 22 -28.33 18.29 -3.41
CA GLU D 22 -28.50 19.05 -2.17
C GLU D 22 -28.37 20.56 -2.38
N ALA D 23 -27.39 20.99 -3.16
CA ALA D 23 -27.22 22.40 -3.53
C ALA D 23 -28.42 22.92 -4.30
N VAL D 24 -28.80 22.23 -5.38
CA VAL D 24 -29.93 22.72 -6.19
C VAL D 24 -31.25 22.81 -5.40
N THR D 25 -31.59 21.74 -4.69
CA THR D 25 -32.88 21.64 -4.02
C THR D 25 -32.94 22.26 -2.63
N GLN D 26 -31.77 22.39 -1.98
CA GLN D 26 -31.66 22.77 -0.56
C GLN D 26 -32.34 21.76 0.36
N LYS D 27 -32.44 20.53 -0.14
CA LYS D 27 -33.03 19.40 0.60
C LYS D 27 -31.99 18.31 0.77
N LYS D 28 -32.14 17.53 1.83
CA LYS D 28 -31.27 16.40 2.08
C LYS D 28 -31.55 15.27 1.08
N VAL D 29 -30.47 14.72 0.51
CA VAL D 29 -30.57 13.57 -0.39
C VAL D 29 -30.56 12.28 0.44
N GLU D 30 -31.44 11.36 0.08
CA GLU D 30 -31.42 10.02 0.62
C GLU D 30 -31.21 9.06 -0.53
N VAL D 31 -30.28 8.12 -0.33
CA VAL D 31 -30.01 7.10 -1.31
C VAL D 31 -30.82 5.81 -1.05
N GLU D 32 -31.67 5.43 -2.00
CA GLU D 32 -32.40 4.17 -1.95
C GLU D 32 -31.82 3.09 -2.85
N THR D 33 -31.38 1.99 -2.27
CA THR D 33 -30.95 0.85 -3.03
C THR D 33 -32.18 0.16 -3.59
N LEU D 34 -32.15 -0.16 -4.89
CA LEU D 34 -33.16 -1.00 -5.52
C LEU D 34 -32.50 -2.37 -5.70
N GLU D 35 -31.99 -2.69 -6.88
CA GLU D 35 -31.33 -3.99 -7.05
C GLU D 35 -29.98 -4.05 -6.38
N GLN D 36 -29.68 -5.24 -5.85
CA GLN D 36 -28.40 -5.53 -5.27
C GLN D 36 -28.15 -7.03 -5.37
N LYS D 37 -27.10 -7.38 -6.10
CA LYS D 37 -26.72 -8.78 -6.34
C LYS D 37 -25.30 -8.89 -6.88
N ILE D 38 -24.65 -10.03 -6.63
CA ILE D 38 -23.40 -10.34 -7.34
C ILE D 38 -23.77 -11.04 -8.64
N ILE D 39 -23.20 -10.57 -9.73
CA ILE D 39 -23.32 -11.21 -11.02
C ILE D 39 -21.94 -11.60 -11.50
N ARG D 40 -21.89 -12.53 -12.44
CA ARG D 40 -20.64 -12.87 -13.07
C ARG D 40 -20.49 -12.19 -14.44
N ALA D 41 -19.28 -11.75 -14.75
CA ALA D 41 -19.03 -10.98 -15.97
C ALA D 41 -19.11 -11.81 -17.26
N ASP D 42 -19.75 -11.26 -18.30
CA ASP D 42 -19.60 -11.75 -19.66
C ASP D 42 -18.44 -10.99 -20.29
N ARG D 43 -18.21 -11.23 -21.58
CA ARG D 43 -17.05 -10.68 -22.25
C ARG D 43 -17.10 -9.16 -22.31
N GLU D 44 -18.27 -8.61 -22.66
CA GLU D 44 -18.44 -7.15 -22.71
CA GLU D 44 -18.44 -7.15 -22.71
C GLU D 44 -18.16 -6.52 -21.34
N LEU D 45 -18.74 -7.09 -20.28
CA LEU D 45 -18.50 -6.58 -18.95
C LEU D 45 -17.04 -6.75 -18.51
N ALA D 46 -16.48 -7.92 -18.82
CA ALA D 46 -15.08 -8.20 -18.53
C ALA D 46 -14.17 -7.16 -19.18
N GLU D 47 -14.41 -6.90 -20.45
CA GLU D 47 -13.62 -5.92 -21.15
C GLU D 47 -13.80 -4.53 -20.53
N LEU D 48 -15.04 -4.16 -20.27
CA LEU D 48 -15.36 -2.87 -19.65
C LEU D 48 -14.60 -2.66 -18.33
N LEU D 49 -14.63 -3.67 -17.47
CA LEU D 49 -14.15 -3.56 -16.09
C LEU D 49 -12.70 -4.01 -15.91
N GLU D 50 -12.08 -4.49 -16.99
CA GLU D 50 -10.68 -4.93 -16.96
C GLU D 50 -10.47 -6.12 -16.02
N ILE D 51 -11.38 -7.08 -16.15
CA ILE D 51 -11.35 -8.30 -15.37
C ILE D 51 -11.53 -9.43 -16.38
N ASP D 52 -11.64 -10.66 -15.91
CA ASP D 52 -11.84 -11.81 -16.75
C ASP D 52 -13.30 -12.22 -16.79
N GLU D 53 -13.66 -12.91 -17.88
CA GLU D 53 -15.00 -13.45 -18.04
C GLU D 53 -15.29 -14.40 -16.88
N GLY D 54 -16.45 -14.23 -16.26
CA GLY D 54 -16.82 -15.06 -15.12
C GLY D 54 -16.39 -14.52 -13.76
N ASP D 55 -15.65 -13.42 -13.75
CA ASP D 55 -15.30 -12.76 -12.49
C ASP D 55 -16.51 -12.10 -11.86
N GLU D 56 -16.48 -11.99 -10.53
CA GLU D 56 -17.59 -11.46 -9.74
C GLU D 56 -17.69 -9.94 -9.81
N VAL D 57 -18.91 -9.47 -10.00
CA VAL D 57 -19.14 -8.05 -10.16
C VAL D 57 -20.34 -7.70 -9.27
N ASN D 58 -20.20 -6.71 -8.39
CA ASN D 58 -21.38 -6.23 -7.68
C ASN D 58 -22.26 -5.38 -8.60
N TYR D 59 -23.53 -5.73 -8.66
CA TYR D 59 -24.48 -4.95 -9.44
C TYR D 59 -25.45 -4.27 -8.47
N ARG D 60 -25.58 -2.95 -8.61
CA ARG D 60 -26.49 -2.19 -7.80
C ARG D 60 -27.16 -1.09 -8.61
N VAL D 61 -28.45 -0.87 -8.35
CA VAL D 61 -29.24 0.24 -8.89
C VAL D 61 -29.75 1.04 -7.69
N VAL D 62 -29.66 2.37 -7.77
CA VAL D 62 -30.15 3.22 -6.72
C VAL D 62 -30.99 4.37 -7.28
N TYR D 63 -31.85 4.95 -6.44
CA TYR D 63 -32.30 6.32 -6.66
C TYR D 63 -31.61 7.26 -5.69
N LEU D 64 -31.43 8.53 -6.11
CA LEU D 64 -31.21 9.63 -5.17
C LEU D 64 -32.50 10.40 -5.15
N ARG D 65 -33.09 10.47 -3.96
CA ARG D 65 -34.34 11.17 -3.70
C ARG D 65 -34.10 12.42 -2.89
N ALA D 66 -34.77 13.50 -3.24
CA ALA D 66 -34.66 14.73 -2.48
C ALA D 66 -36.05 15.24 -2.41
N ASN D 67 -36.46 15.73 -1.22
CA ASN D 67 -37.87 15.92 -0.93
C ASN D 67 -38.52 14.56 -1.25
N GLY D 68 -39.69 14.51 -1.85
CA GLY D 68 -40.19 13.16 -2.13
C GLY D 68 -39.66 12.50 -3.41
N GLU D 69 -38.82 13.23 -4.15
CA GLU D 69 -38.67 13.02 -5.60
C GLU D 69 -37.36 12.37 -6.07
N ILE D 70 -37.43 11.65 -7.19
CA ILE D 70 -36.23 11.06 -7.77
C ILE D 70 -35.43 12.10 -8.54
N TYR D 71 -34.21 12.38 -8.11
CA TYR D 71 -33.31 13.31 -8.84
C TYR D 71 -32.26 12.59 -9.67
N ALA D 72 -32.00 11.33 -9.35
CA ALA D 72 -31.13 10.47 -10.13
C ALA D 72 -31.51 9.01 -9.95
N LYS D 73 -31.34 8.26 -11.03
CA LYS D 73 -31.26 6.83 -11.02
C LYS D 73 -29.83 6.52 -11.44
N ALA D 74 -29.22 5.54 -10.78
CA ALA D 74 -27.81 5.24 -11.03
C ALA D 74 -27.55 3.75 -10.84
N ILE D 75 -26.67 3.20 -11.66
CA ILE D 75 -26.43 1.78 -11.76
C ILE D 75 -24.94 1.64 -11.74
N SER D 76 -24.43 0.73 -10.91
CA SER D 76 -23.00 0.52 -10.82
C SER D 76 -22.63 -0.94 -10.97
N PHE D 77 -21.45 -1.16 -11.55
CA PHE D 77 -20.84 -2.45 -11.65
C PHE D 77 -19.45 -2.28 -11.01
N THR D 78 -19.22 -3.02 -9.92
CA THR D 78 -17.97 -2.99 -9.19
C THR D 78 -17.37 -4.39 -9.19
N PRO D 79 -16.22 -4.54 -9.85
CA PRO D 79 -15.50 -5.81 -9.80
C PRO D 79 -15.01 -6.04 -8.37
N LEU D 80 -15.27 -7.22 -7.84
CA LEU D 80 -14.95 -7.52 -6.44
C LEU D 80 -13.47 -7.76 -6.17
N LYS D 81 -12.75 -8.35 -7.13
CA LYS D 81 -11.41 -8.92 -6.88
C LYS D 81 -10.27 -7.94 -6.58
N ARG D 82 -10.47 -6.67 -6.90
CA ARG D 82 -9.51 -5.66 -6.47
C ARG D 82 -10.19 -4.65 -5.53
N LEU D 83 -10.93 -5.17 -4.55
CA LEU D 83 -11.41 -4.35 -3.45
C LEU D 83 -10.68 -4.83 -2.22
N GLU D 84 -10.19 -3.90 -1.39
CA GLU D 84 -9.65 -4.27 -0.08
CA GLU D 84 -9.66 -4.28 -0.09
C GLU D 84 -10.81 -4.84 0.73
N ASN D 85 -10.47 -5.71 1.68
CA ASN D 85 -11.48 -6.43 2.44
C ASN D 85 -12.57 -5.56 3.03
N SER D 86 -12.18 -4.47 3.68
CA SER D 86 -13.12 -3.61 4.39
C SER D 86 -13.92 -2.70 3.49
N PHE D 87 -13.33 -2.29 2.36
CA PHE D 87 -14.10 -1.64 1.31
C PHE D 87 -15.19 -2.59 0.84
N ARG D 88 -14.85 -3.83 0.59
CA ARG D 88 -15.79 -4.80 0.07
C ARG D 88 -16.89 -5.10 1.06
N GLU D 89 -16.53 -5.21 2.35
CA GLU D 89 -17.52 -5.42 3.42
C GLU D 89 -18.53 -4.29 3.44
N ASP D 90 -18.05 -3.05 3.38
CA ASP D 90 -18.92 -1.87 3.33
C ASP D 90 -19.83 -1.89 2.10
N LEU D 91 -19.29 -2.33 0.97
CA LEU D 91 -20.07 -2.51 -0.25
C LEU D 91 -21.12 -3.59 -0.10
N MET D 92 -20.72 -4.74 0.39
CA MET D 92 -21.65 -5.87 0.49
C MET D 92 -22.74 -5.75 1.55
N ARG D 93 -22.58 -4.85 2.52
CA ARG D 93 -23.67 -4.55 3.47
C ARG D 93 -24.80 -3.74 2.84
N ALA D 94 -24.48 -2.97 1.81
CA ALA D 94 -25.45 -2.19 1.06
C ALA D 94 -26.24 -1.23 1.94
N ASP D 95 -25.53 -0.51 2.79
CA ASP D 95 -26.17 0.63 3.43
C ASP D 95 -25.38 1.93 3.30
N ILE D 96 -24.06 1.87 3.22
CA ILE D 96 -23.29 3.08 2.88
C ILE D 96 -23.28 3.26 1.34
N PRO D 97 -23.74 4.42 0.85
CA PRO D 97 -23.66 4.72 -0.58
C PRO D 97 -22.20 4.65 -1.10
N ILE D 98 -22.04 4.28 -2.37
CA ILE D 98 -20.74 4.02 -2.97
C ILE D 98 -19.79 5.20 -2.86
N GLY D 99 -20.30 6.40 -3.17
CA GLY D 99 -19.60 7.66 -2.95
C GLY D 99 -19.10 7.88 -1.54
N LYS D 100 -19.94 7.58 -0.54
CA LYS D 100 -19.53 7.63 0.87
C LYS D 100 -18.54 6.53 1.25
N ILE D 101 -18.63 5.36 0.64
CA ILE D 101 -17.61 4.34 0.91
C ILE D 101 -16.22 4.79 0.45
N MET D 102 -16.16 5.38 -0.75
CA MET D 102 -14.93 5.93 -1.33
C MET D 102 -14.26 7.00 -0.49
N ARG D 103 -15.06 7.96 -0.01
CA ARG D 103 -14.62 8.95 0.98
C ARG D 103 -14.03 8.28 2.20
N LYS D 104 -14.78 7.36 2.78
CA LYS D 104 -14.43 6.72 4.04
C LYS D 104 -13.07 6.00 3.96
N HIS D 105 -12.81 5.38 2.81
CA HIS D 105 -11.56 4.67 2.59
C HIS D 105 -10.51 5.52 1.89
N ASN D 106 -10.75 6.84 1.83
CA ASN D 106 -9.80 7.80 1.24
C ASN D 106 -9.32 7.35 -0.13
N ILE D 107 -10.23 6.96 -1.01
CA ILE D 107 -9.81 6.45 -2.30
C ILE D 107 -9.40 7.60 -3.18
N GLU D 108 -8.22 7.48 -3.77
CA GLU D 108 -7.75 8.38 -4.82
C GLU D 108 -8.06 7.74 -6.16
N ALA D 109 -8.42 8.56 -7.14
CA ALA D 109 -8.90 8.05 -8.44
C ALA D 109 -8.91 9.14 -9.48
N ARG D 110 -9.13 8.75 -10.72
CA ARG D 110 -9.46 9.69 -11.78
C ARG D 110 -10.66 9.09 -12.51
N ARG D 111 -11.29 9.86 -13.39
CA ARG D 111 -12.46 9.41 -14.16
C ARG D 111 -12.23 9.33 -15.68
N GLU D 112 -12.90 8.39 -16.32
CA GLU D 112 -12.92 8.35 -17.77
C GLU D 112 -14.38 8.29 -18.20
N ILE D 113 -14.86 9.40 -18.73
CA ILE D 113 -16.22 9.48 -19.24
C ILE D 113 -16.34 8.70 -20.55
N ARG D 114 -17.28 7.76 -20.58
CA ARG D 114 -17.56 6.98 -21.79
C ARG D 114 -18.66 7.62 -22.63
N TRP D 115 -19.66 8.21 -21.96
CA TRP D 115 -20.63 9.10 -22.63
C TRP D 115 -21.35 10.02 -21.65
N SER D 116 -21.89 11.12 -22.19
CA SER D 116 -22.78 12.03 -21.47
C SER D 116 -23.58 12.76 -22.52
N ARG D 117 -24.91 12.66 -22.43
CA ARG D 117 -25.81 13.04 -23.54
C ARG D 117 -27.25 13.23 -23.02
N VAL D 118 -28.02 14.03 -23.74
CA VAL D 118 -29.45 14.12 -23.51
C VAL D 118 -30.10 12.95 -24.26
N GLU D 119 -31.01 12.26 -23.56
CA GLU D 119 -31.84 11.17 -24.12
C GLU D 119 -33.31 11.44 -23.80
N GLU D 120 -34.21 10.91 -24.62
CA GLU D 120 -35.61 10.86 -24.27
C GLU D 120 -35.86 9.49 -23.65
N ALA D 121 -36.27 9.46 -22.39
CA ALA D 121 -36.47 8.21 -21.67
C ALA D 121 -37.57 7.40 -22.34
N ASP D 122 -37.45 6.07 -22.31
CA ASP D 122 -38.53 5.21 -22.78
C ASP D 122 -39.73 5.29 -21.81
N LEU D 123 -40.91 4.78 -22.19
CA LEU D 123 -42.09 4.91 -21.33
C LEU D 123 -41.84 4.37 -19.92
N ALA D 124 -41.19 3.22 -19.82
CA ALA D 124 -40.98 2.59 -18.51
C ALA D 124 -40.15 3.50 -17.58
N LEU D 125 -39.10 4.10 -18.11
CA LEU D 125 -38.22 4.95 -17.29
C LEU D 125 -38.88 6.30 -16.96
N ALA D 126 -39.52 6.91 -17.96
CA ALA D 126 -40.31 8.11 -17.76
C ALA D 126 -41.32 7.91 -16.62
N LYS D 127 -42.04 6.79 -16.66
CA LYS D 127 -43.05 6.48 -15.65
C LYS D 127 -42.41 6.22 -14.28
N GLU D 128 -41.35 5.42 -14.26
CA GLU D 128 -40.54 5.20 -13.06
C GLU D 128 -40.13 6.51 -12.40
N LEU D 129 -39.63 7.46 -13.20
CA LEU D 129 -39.18 8.76 -12.66
C LEU D 129 -40.32 9.73 -12.38
N GLY D 130 -41.52 9.46 -12.89
CA GLY D 130 -42.63 10.38 -12.75
C GLY D 130 -42.41 11.72 -13.43
N ILE D 131 -41.90 11.68 -14.67
CA ILE D 131 -41.70 12.91 -15.43
C ILE D 131 -42.67 13.05 -16.60
N ALA D 132 -43.10 14.29 -16.84
CA ALA D 132 -43.96 14.64 -17.98
C ALA D 132 -43.10 14.83 -19.23
N ASP D 133 -42.02 15.62 -19.10
CA ASP D 133 -40.98 15.80 -20.13
C ASP D 133 -40.05 14.61 -19.97
N ARG D 134 -39.97 13.81 -21.04
CA ARG D 134 -39.28 12.54 -21.01
C ARG D 134 -37.76 12.69 -21.09
N ARG D 135 -37.26 13.92 -21.25
CA ARG D 135 -35.83 14.11 -21.47
C ARG D 135 -34.97 13.91 -20.21
N VAL D 136 -33.95 13.08 -20.33
CA VAL D 136 -32.98 12.87 -19.27
C VAL D 136 -31.56 13.16 -19.74
N ILE D 137 -30.69 13.49 -18.79
CA ILE D 137 -29.25 13.43 -19.01
C ILE D 137 -28.80 12.06 -18.59
N SER D 138 -28.23 11.36 -19.56
CA SER D 138 -27.72 10.05 -19.36
C SER D 138 -26.21 10.13 -19.46
N ARG D 139 -25.51 9.57 -18.48
CA ARG D 139 -24.07 9.50 -18.51
C ARG D 139 -23.52 8.17 -18.04
N ASN D 140 -22.29 7.90 -18.47
CA ASN D 140 -21.58 6.68 -18.06
C ASN D 140 -20.10 6.97 -17.99
N TYR D 141 -19.48 6.53 -16.90
CA TYR D 141 -18.05 6.72 -16.74
C TYR D 141 -17.43 5.63 -15.90
N ASN D 142 -16.12 5.47 -16.08
CA ASN D 142 -15.30 4.64 -15.23
C ASN D 142 -14.60 5.47 -14.17
N ILE D 143 -14.63 4.97 -12.94
CA ILE D 143 -13.70 5.43 -11.91
C ILE D 143 -12.45 4.55 -11.96
N ILE D 144 -11.30 5.19 -12.09
CA ILE D 144 -10.01 4.51 -12.25
C ILE D 144 -9.23 4.66 -10.96
N HIS D 145 -8.76 3.54 -10.41
CA HIS D 145 -8.04 3.57 -9.14
C HIS D 145 -6.89 2.60 -9.30
N ARG D 146 -5.67 3.05 -9.02
CA ARG D 146 -4.48 2.23 -9.24
C ARG D 146 -4.37 1.77 -10.68
N GLY D 147 -4.79 2.58 -11.63
CA GLY D 147 -4.61 2.26 -13.05
C GLY D 147 -5.64 1.27 -13.57
N LYS D 148 -6.58 0.89 -12.72
CA LYS D 148 -7.58 -0.10 -13.09
C LYS D 148 -8.96 0.48 -12.86
N VAL D 149 -9.94 -0.06 -13.57
CA VAL D 149 -11.33 0.28 -13.34
C VAL D 149 -11.76 -0.25 -11.99
N LEU D 150 -12.28 0.64 -11.15
CA LEU D 150 -12.83 0.33 -9.83
C LEU D 150 -14.34 0.12 -9.85
N ILE D 151 -15.03 1.01 -10.57
CA ILE D 151 -16.49 0.98 -10.71
C ILE D 151 -16.85 1.56 -12.06
N ASN D 152 -17.89 0.99 -12.71
CA ASN D 152 -18.54 1.65 -13.84
C ASN D 152 -19.92 2.16 -13.41
N ILE D 153 -20.20 3.42 -13.70
CA ILE D 153 -21.41 4.10 -13.24
C ILE D 153 -22.20 4.66 -14.41
N THR D 154 -23.50 4.38 -14.40
CA THR D 154 -24.46 4.98 -15.32
C THR D 154 -25.39 5.80 -14.47
N GLU D 155 -25.70 7.01 -14.93
CA GLU D 155 -26.60 7.89 -14.21
C GLU D 155 -27.61 8.45 -15.16
N PHE D 156 -28.84 8.64 -14.69
CA PHE D 156 -29.88 9.35 -15.40
C PHE D 156 -30.41 10.47 -14.52
N PHE D 157 -30.39 11.70 -15.03
CA PHE D 157 -30.95 12.83 -14.30
C PHE D 157 -32.16 13.32 -15.07
N PRO D 158 -33.33 13.30 -14.43
CA PRO D 158 -34.56 13.85 -15.04
C PRO D 158 -34.45 15.39 -15.23
N MET D 159 -34.42 15.82 -16.49
CA MET D 159 -34.17 17.23 -16.82
C MET D 159 -35.16 18.22 -16.21
N GLU D 160 -36.44 17.87 -16.14
CA GLU D 160 -37.44 18.80 -15.61
C GLU D 160 -37.26 19.12 -14.12
N ARG D 161 -36.53 18.29 -13.38
CA ARG D 161 -36.32 18.53 -11.96
C ARG D 161 -35.19 19.53 -11.61
N PHE D 162 -34.49 20.05 -12.62
CA PHE D 162 -33.25 20.83 -12.46
C PHE D 162 -33.30 22.17 -13.18
N LEU E 3 14.94 2.09 -3.29
CA LEU E 3 15.37 0.74 -3.80
C LEU E 3 15.53 -0.27 -2.65
N ASN E 4 14.79 -1.38 -2.74
CA ASN E 4 14.96 -2.50 -1.81
C ASN E 4 16.08 -3.42 -2.30
N ALA E 5 16.30 -4.52 -1.57
CA ALA E 5 17.39 -5.46 -1.87
C ALA E 5 17.29 -6.05 -3.26
N ILE E 6 16.06 -6.44 -3.65
CA ILE E 6 15.82 -7.07 -4.95
C ILE E 6 16.06 -6.10 -6.09
N HIS E 7 15.52 -4.88 -5.99
CA HIS E 7 15.77 -3.82 -6.96
C HIS E 7 17.25 -3.58 -7.21
N ARG E 8 18.04 -3.58 -6.13
CA ARG E 8 19.48 -3.34 -6.26
C ARG E 8 20.15 -4.53 -6.97
N ILE E 9 19.70 -5.75 -6.64
CA ILE E 9 20.12 -6.94 -7.37
C ILE E 9 19.79 -6.83 -8.86
N LEU E 10 18.54 -6.55 -9.19
CA LEU E 10 18.10 -6.38 -10.59
C LEU E 10 18.91 -5.36 -11.38
N MET E 11 19.44 -4.35 -10.71
CA MET E 11 20.15 -3.30 -11.42
C MET E 11 21.58 -3.61 -11.83
N THR E 12 22.25 -4.46 -11.06
CA THR E 12 23.65 -4.76 -11.36
C THR E 12 23.85 -6.16 -11.91
N THR E 13 22.84 -7.00 -11.75
CA THR E 13 23.04 -8.41 -12.01
C THR E 13 23.33 -8.76 -13.46
N ASP E 14 24.32 -9.64 -13.64
CA ASP E 14 24.66 -10.20 -14.94
C ASP E 14 24.06 -11.61 -15.09
N GLY E 15 23.34 -12.04 -14.06
CA GLY E 15 22.71 -13.36 -14.05
C GLY E 15 21.30 -13.36 -14.58
N SER E 16 20.71 -14.55 -14.65
CA SER E 16 19.40 -14.77 -15.26
C SER E 16 18.28 -14.04 -14.54
N ILE E 17 17.55 -13.21 -15.29
CA ILE E 17 16.40 -12.53 -14.75
C ILE E 17 15.26 -13.49 -14.48
N THR E 18 15.05 -14.47 -15.35
CA THR E 18 14.01 -15.48 -15.13
C THR E 18 14.22 -16.17 -13.78
N ALA E 19 15.47 -16.50 -13.48
CA ALA E 19 15.83 -17.17 -12.23
C ALA E 19 15.41 -16.33 -11.04
N ILE E 20 15.71 -15.03 -11.10
CA ILE E 20 15.38 -14.08 -10.03
C ILE E 20 13.88 -13.94 -9.80
N ILE E 21 13.13 -13.88 -10.91
CA ILE E 21 11.68 -13.85 -10.85
C ILE E 21 11.10 -15.12 -10.20
N GLU E 22 11.59 -16.29 -10.64
CA GLU E 22 11.14 -17.56 -10.07
C GLU E 22 11.52 -17.58 -8.59
N ALA E 23 12.74 -17.14 -8.27
CA ALA E 23 13.20 -17.01 -6.88
C ALA E 23 12.23 -16.19 -6.00
N VAL E 24 11.89 -14.99 -6.47
CA VAL E 24 11.10 -14.03 -5.70
C VAL E 24 9.64 -14.43 -5.57
N THR E 25 9.09 -15.05 -6.61
CA THR E 25 7.66 -15.38 -6.65
C THR E 25 7.36 -16.79 -6.15
N GLN E 26 8.37 -17.66 -6.24
CA GLN E 26 8.25 -19.11 -5.97
C GLN E 26 7.29 -19.74 -6.98
N LYS E 27 7.17 -19.10 -8.14
CA LYS E 27 6.38 -19.64 -9.24
C LYS E 27 7.27 -19.81 -10.47
N LYS E 28 6.89 -20.71 -11.37
CA LYS E 28 7.64 -20.85 -12.62
C LYS E 28 7.22 -19.74 -13.58
N VAL E 29 8.20 -19.17 -14.28
CA VAL E 29 7.93 -18.08 -15.20
C VAL E 29 7.47 -18.62 -16.54
N GLU E 30 6.35 -18.07 -17.01
CA GLU E 30 5.90 -18.34 -18.36
C GLU E 30 6.19 -17.12 -19.24
N VAL E 31 6.87 -17.37 -20.35
CA VAL E 31 7.20 -16.34 -21.33
C VAL E 31 6.09 -16.28 -22.35
N GLU E 32 5.67 -15.06 -22.67
CA GLU E 32 4.66 -14.85 -23.69
C GLU E 32 5.24 -13.97 -24.82
N THR E 33 5.26 -14.52 -26.02
CA THR E 33 5.74 -13.81 -27.19
C THR E 33 4.63 -12.93 -27.75
N LEU E 34 4.78 -11.62 -27.58
CA LEU E 34 3.83 -10.64 -28.05
C LEU E 34 3.90 -10.56 -29.54
N GLU E 35 5.14 -10.47 -30.02
CA GLU E 35 5.44 -10.42 -31.42
C GLU E 35 6.85 -10.86 -31.71
N GLN E 36 7.03 -11.38 -32.92
CA GLN E 36 8.33 -11.66 -33.45
C GLN E 36 8.24 -11.50 -34.93
N LYS E 37 9.18 -10.75 -35.48
CA LYS E 37 9.26 -10.49 -36.90
C LYS E 37 10.69 -10.28 -37.34
N ILE E 38 10.95 -10.59 -38.61
CA ILE E 38 12.24 -10.32 -39.22
C ILE E 38 12.20 -8.89 -39.77
N ILE E 39 13.16 -8.08 -39.35
CA ILE E 39 13.31 -6.72 -39.84
C ILE E 39 14.68 -6.57 -40.48
N ARG E 40 14.83 -5.53 -41.28
CA ARG E 40 16.12 -5.21 -41.87
C ARG E 40 16.76 -4.04 -41.15
N ALA E 41 18.02 -4.20 -40.79
CA ALA E 41 18.75 -3.24 -39.97
C ALA E 41 18.91 -1.88 -40.63
N ASP E 42 18.37 -0.85 -40.01
CA ASP E 42 18.72 0.50 -40.41
C ASP E 42 20.14 0.76 -39.94
N ARG E 43 20.60 1.99 -40.12
CA ARG E 43 21.96 2.37 -39.76
C ARG E 43 22.23 2.20 -38.27
N GLU E 44 21.40 2.80 -37.40
CA GLU E 44 21.70 2.86 -35.96
C GLU E 44 21.66 1.48 -35.31
N LEU E 45 20.76 0.63 -35.80
CA LEU E 45 20.64 -0.75 -35.36
C LEU E 45 21.84 -1.58 -35.84
N ALA E 46 22.19 -1.44 -37.12
CA ALA E 46 23.37 -2.10 -37.69
C ALA E 46 24.65 -1.82 -36.88
N GLU E 47 24.82 -0.58 -36.47
CA GLU E 47 25.95 -0.20 -35.62
C GLU E 47 25.82 -0.79 -34.21
N LEU E 48 24.59 -0.93 -33.71
CA LEU E 48 24.36 -1.47 -32.38
C LEU E 48 24.72 -2.96 -32.33
N LEU E 49 24.34 -3.64 -33.40
CA LEU E 49 24.46 -5.10 -33.51
C LEU E 49 25.71 -5.57 -34.23
N GLU E 50 26.58 -4.63 -34.63
CA GLU E 50 27.83 -4.91 -35.36
C GLU E 50 27.58 -5.69 -36.63
N ILE E 51 26.59 -5.26 -37.38
CA ILE E 51 26.27 -5.88 -38.66
C ILE E 51 26.28 -4.80 -39.72
N ASP E 52 25.75 -5.10 -40.90
CA ASP E 52 25.68 -4.15 -41.99
C ASP E 52 24.25 -3.73 -42.10
N GLU E 53 24.05 -2.51 -42.57
CA GLU E 53 22.72 -1.99 -42.85
C GLU E 53 22.02 -2.91 -43.83
N GLY E 54 20.74 -3.17 -43.56
CA GLY E 54 19.96 -4.09 -44.37
C GLY E 54 20.03 -5.55 -43.95
N ASP E 55 20.99 -5.91 -43.10
CA ASP E 55 21.05 -7.29 -42.58
C ASP E 55 19.81 -7.66 -41.75
N GLU E 56 19.38 -8.91 -41.84
CA GLU E 56 18.18 -9.38 -41.16
C GLU E 56 18.39 -9.52 -39.66
N VAL E 57 17.35 -9.19 -38.91
CA VAL E 57 17.40 -9.13 -37.45
C VAL E 57 16.09 -9.65 -36.95
N ASN E 58 16.16 -10.58 -36.00
CA ASN E 58 14.99 -11.07 -35.34
C ASN E 58 14.53 -10.08 -34.28
N TYR E 59 13.33 -9.53 -34.48
CA TYR E 59 12.75 -8.65 -33.49
C TYR E 59 11.74 -9.42 -32.63
N ARG E 60 11.97 -9.42 -31.32
CA ARG E 60 11.07 -10.11 -30.42
C ARG E 60 10.73 -9.29 -29.18
N VAL E 61 9.43 -9.24 -28.87
CA VAL E 61 8.93 -8.60 -27.67
C VAL E 61 8.25 -9.69 -26.83
N VAL E 62 8.64 -9.80 -25.56
CA VAL E 62 8.11 -10.82 -24.66
C VAL E 62 7.67 -10.24 -23.30
N TYR E 63 6.71 -10.90 -22.65
CA TYR E 63 6.47 -10.70 -21.22
C TYR E 63 6.94 -11.94 -20.44
N LEU E 64 7.59 -11.70 -19.31
CA LEU E 64 7.86 -12.79 -18.36
C LEU E 64 6.85 -12.68 -17.24
N ARG E 65 5.97 -13.69 -17.17
CA ARG E 65 4.88 -13.72 -16.20
C ARG E 65 5.09 -14.75 -15.11
N ALA E 66 4.58 -14.46 -13.93
CA ALA E 66 4.51 -15.39 -12.82
C ALA E 66 3.19 -15.06 -12.11
N ASN E 67 2.37 -16.09 -11.86
CA ASN E 67 0.96 -15.90 -11.45
C ASN E 67 0.16 -15.31 -12.62
N GLY E 68 -0.61 -14.27 -12.35
CA GLY E 68 -1.29 -13.55 -13.42
C GLY E 68 -0.46 -12.40 -13.97
N GLU E 69 0.63 -12.06 -13.27
CA GLU E 69 1.27 -10.74 -13.38
C GLU E 69 2.54 -10.68 -14.25
N ILE E 70 2.79 -9.53 -14.87
CA ILE E 70 4.02 -9.29 -15.61
C ILE E 70 5.16 -8.82 -14.70
N TYR E 71 6.26 -9.55 -14.71
CA TYR E 71 7.45 -9.18 -13.93
C TYR E 71 8.54 -8.55 -14.79
N ALA E 72 8.40 -8.70 -16.11
CA ALA E 72 9.33 -8.10 -17.06
C ALA E 72 8.76 -8.04 -18.46
N LYS E 73 9.08 -6.96 -19.13
CA LYS E 73 8.88 -6.81 -20.55
C LYS E 73 10.26 -6.69 -21.16
N ALA E 74 10.55 -7.51 -22.16
CA ALA E 74 11.88 -7.51 -22.77
C ALA E 74 11.82 -7.49 -24.29
N ILE E 75 12.63 -6.62 -24.87
CA ILE E 75 12.71 -6.47 -26.30
C ILE E 75 14.11 -6.84 -26.81
N SER E 76 14.16 -7.83 -27.69
CA SER E 76 15.44 -8.30 -28.19
C SER E 76 15.59 -8.14 -29.70
N PHE E 77 16.84 -7.92 -30.10
CA PHE E 77 17.26 -7.86 -31.48
C PHE E 77 18.40 -8.85 -31.70
N THR E 78 18.17 -9.80 -32.59
CA THR E 78 19.14 -10.87 -32.84
C THR E 78 19.53 -10.91 -34.30
N PRO E 79 20.80 -10.53 -34.63
CA PRO E 79 21.13 -10.62 -36.06
C PRO E 79 21.11 -12.09 -36.49
N LEU E 80 20.46 -12.38 -37.61
CA LEU E 80 20.35 -13.75 -38.09
C LEU E 80 21.63 -14.31 -38.74
N LYS E 81 22.42 -13.48 -39.41
CA LYS E 81 23.62 -13.94 -40.13
C LYS E 81 24.60 -14.60 -39.16
N ARG E 82 24.50 -14.17 -37.90
CA ARG E 82 25.29 -14.63 -36.79
C ARG E 82 24.96 -16.03 -36.29
N LEU E 83 23.99 -16.69 -36.91
CA LEU E 83 23.36 -17.85 -36.27
C LEU E 83 23.62 -19.15 -37.02
N GLU E 84 23.95 -20.19 -36.28
CA GLU E 84 23.89 -21.55 -36.79
C GLU E 84 22.43 -21.90 -37.05
N ASN E 85 22.22 -22.84 -37.96
CA ASN E 85 20.89 -23.12 -38.49
C ASN E 85 19.89 -23.61 -37.47
N SER E 86 20.31 -24.51 -36.57
CA SER E 86 19.42 -25.02 -35.54
C SER E 86 19.05 -23.97 -34.49
N PHE E 87 19.99 -23.08 -34.18
CA PHE E 87 19.67 -21.97 -33.29
C PHE E 87 18.67 -21.03 -34.01
N ARG E 88 18.94 -20.74 -35.28
CA ARG E 88 18.03 -19.93 -36.09
C ARG E 88 16.61 -20.50 -36.08
N GLU E 89 16.50 -21.82 -36.29
CA GLU E 89 15.21 -22.51 -36.37
C GLU E 89 14.46 -22.55 -35.06
N ASP E 90 15.20 -22.66 -33.97
CA ASP E 90 14.61 -22.55 -32.63
C ASP E 90 14.05 -21.15 -32.40
N LEU E 91 14.77 -20.15 -32.91
CA LEU E 91 14.37 -18.77 -32.77
C LEU E 91 13.09 -18.52 -33.56
N MET E 92 13.05 -19.05 -34.77
CA MET E 92 11.89 -18.94 -35.67
C MET E 92 10.60 -19.57 -35.12
N ARG E 93 10.75 -20.65 -34.34
CA ARG E 93 9.64 -21.27 -33.61
C ARG E 93 8.87 -20.27 -32.71
N ALA E 94 9.54 -19.20 -32.31
CA ALA E 94 8.91 -18.03 -31.64
C ALA E 94 8.54 -18.25 -30.19
N ASP E 95 8.13 -19.48 -29.85
CA ASP E 95 7.66 -19.78 -28.49
C ASP E 95 8.65 -20.59 -27.62
N ILE E 96 9.86 -20.79 -28.12
CA ILE E 96 10.94 -21.24 -27.24
C ILE E 96 11.70 -20.01 -26.76
N PRO E 97 11.77 -19.79 -25.44
CA PRO E 97 12.44 -18.61 -24.90
C PRO E 97 13.93 -18.61 -25.23
N ILE E 98 14.50 -17.42 -25.40
CA ILE E 98 15.93 -17.26 -25.78
C ILE E 98 16.92 -17.91 -24.79
N GLY E 99 16.69 -17.74 -23.49
CA GLY E 99 17.50 -18.42 -22.48
C GLY E 99 17.55 -19.93 -22.68
N LYS E 100 16.43 -20.49 -23.11
CA LYS E 100 16.33 -21.92 -23.34
C LYS E 100 17.10 -22.28 -24.61
N ILE E 101 17.03 -21.43 -25.62
CA ILE E 101 17.70 -21.72 -26.89
C ILE E 101 19.22 -21.74 -26.65
N MET E 102 19.69 -20.78 -25.88
CA MET E 102 21.09 -20.68 -25.51
C MET E 102 21.62 -21.84 -24.69
N ARG E 103 20.85 -22.26 -23.67
CA ARG E 103 21.16 -23.46 -22.87
C ARG E 103 21.27 -24.66 -23.80
N LYS E 104 20.23 -24.86 -24.60
CA LYS E 104 20.09 -26.02 -25.50
C LYS E 104 21.25 -26.18 -26.47
N HIS E 105 21.84 -25.06 -26.89
CA HIS E 105 22.94 -25.06 -27.83
C HIS E 105 24.31 -24.81 -27.19
N ASN E 106 24.37 -24.88 -25.84
CA ASN E 106 25.61 -24.75 -25.06
C ASN E 106 26.41 -23.50 -25.40
N ILE E 107 25.73 -22.37 -25.50
CA ILE E 107 26.37 -21.12 -25.88
C ILE E 107 27.19 -20.51 -24.75
N GLU E 108 28.49 -20.37 -25.01
CA GLU E 108 29.34 -19.59 -24.13
C GLU E 108 29.25 -18.12 -24.54
N ALA E 109 28.98 -17.26 -23.57
CA ALA E 109 28.84 -15.86 -23.83
C ALA E 109 29.30 -15.04 -22.65
N ARG E 110 29.33 -13.74 -22.86
CA ARG E 110 29.45 -12.78 -21.79
C ARG E 110 28.45 -11.67 -22.07
N ARG E 111 28.28 -10.81 -21.08
CA ARG E 111 27.17 -9.87 -21.04
C ARG E 111 27.73 -8.48 -20.83
N GLU E 112 27.31 -7.53 -21.67
CA GLU E 112 27.76 -6.13 -21.58
C GLU E 112 26.59 -5.17 -21.29
N ILE E 113 26.51 -4.70 -20.05
CA ILE E 113 25.48 -3.75 -19.65
C ILE E 113 25.83 -2.36 -20.18
N ARG E 114 24.99 -1.88 -21.12
CA ARG E 114 25.11 -0.56 -21.74
C ARG E 114 24.43 0.51 -20.88
N TRP E 115 23.32 0.15 -20.23
CA TRP E 115 22.65 1.06 -19.28
C TRP E 115 21.74 0.33 -18.29
N SER E 116 21.57 0.93 -17.13
CA SER E 116 20.74 0.38 -16.07
C SER E 116 20.33 1.52 -15.16
N ARG E 117 19.03 1.78 -15.13
CA ARG E 117 18.50 3.04 -14.59
C ARG E 117 17.07 2.91 -14.08
N VAL E 118 16.77 3.68 -13.04
CA VAL E 118 15.39 3.84 -12.56
C VAL E 118 14.75 5.01 -13.32
N GLU E 119 13.60 4.77 -13.91
CA GLU E 119 12.88 5.81 -14.62
C GLU E 119 11.37 5.72 -14.43
N GLU E 120 10.68 6.83 -14.70
CA GLU E 120 9.23 6.86 -14.70
C GLU E 120 8.75 6.21 -15.99
N ALA E 121 7.88 5.20 -15.87
CA ALA E 121 7.26 4.60 -17.04
C ALA E 121 6.31 5.60 -17.70
N ASP E 122 6.37 5.68 -19.03
CA ASP E 122 5.41 6.47 -19.77
C ASP E 122 4.03 5.83 -19.62
N LEU E 123 3.01 6.58 -20.00
CA LEU E 123 1.63 6.17 -19.75
C LEU E 123 1.29 4.82 -20.38
N ALA E 124 1.71 4.62 -21.62
CA ALA E 124 1.40 3.39 -22.36
C ALA E 124 2.01 2.14 -21.70
N LEU E 125 3.26 2.28 -21.25
CA LEU E 125 3.97 1.18 -20.60
C LEU E 125 3.36 0.85 -19.23
N ALA E 126 3.11 1.89 -18.44
CA ALA E 126 2.40 1.76 -17.15
C ALA E 126 1.07 1.03 -17.35
N LYS E 127 0.31 1.44 -18.37
CA LYS E 127 -0.98 0.79 -18.69
C LYS E 127 -0.78 -0.69 -19.04
N GLU E 128 0.18 -0.96 -19.93
CA GLU E 128 0.53 -2.31 -20.36
C GLU E 128 0.99 -3.25 -19.21
N LEU E 129 1.80 -2.73 -18.29
CA LEU E 129 2.29 -3.55 -17.16
C LEU E 129 1.26 -3.74 -16.05
N GLY E 130 0.26 -2.84 -15.99
CA GLY E 130 -0.77 -2.92 -14.97
C GLY E 130 -0.29 -2.42 -13.63
N ILE E 131 0.54 -1.38 -13.64
CA ILE E 131 1.11 -0.84 -12.43
C ILE E 131 0.44 0.43 -11.91
N ALA E 132 0.53 0.63 -10.60
CA ALA E 132 -0.04 1.80 -9.94
C ALA E 132 1.12 2.78 -9.71
N ASP E 133 2.15 2.28 -9.03
CA ASP E 133 3.49 2.88 -9.01
C ASP E 133 4.11 2.78 -10.41
N ARG E 134 4.48 3.93 -10.99
CA ARG E 134 4.98 3.99 -12.37
C ARG E 134 6.50 3.81 -12.52
N ARG E 135 7.21 3.67 -11.42
CA ARG E 135 8.65 3.43 -11.46
C ARG E 135 8.98 2.06 -12.05
N VAL E 136 9.90 2.06 -13.01
CA VAL E 136 10.48 0.83 -13.55
C VAL E 136 12.00 0.93 -13.56
N ILE E 137 12.65 -0.23 -13.44
CA ILE E 137 14.07 -0.35 -13.75
C ILE E 137 14.16 -0.62 -15.25
N SER E 138 14.92 0.21 -15.94
CA SER E 138 15.18 -0.02 -17.36
C SER E 138 16.63 -0.44 -17.57
N ARG E 139 16.82 -1.43 -18.44
CA ARG E 139 18.17 -1.88 -18.75
C ARG E 139 18.30 -2.25 -20.21
N ASN E 140 19.50 -2.10 -20.73
CA ASN E 140 19.87 -2.59 -22.06
C ASN E 140 21.26 -3.17 -21.92
N TYR E 141 21.44 -4.32 -22.55
CA TYR E 141 22.70 -5.02 -22.55
C TYR E 141 22.84 -5.88 -23.83
N ASN E 142 24.10 -6.16 -24.19
CA ASN E 142 24.46 -7.03 -25.29
C ASN E 142 24.88 -8.36 -24.71
N ILE E 143 24.37 -9.45 -25.27
CA ILE E 143 25.00 -10.76 -25.11
C ILE E 143 26.04 -10.93 -26.23
N ILE E 144 27.29 -11.13 -25.82
CA ILE E 144 28.44 -11.24 -26.73
C ILE E 144 28.85 -12.70 -26.84
N HIS E 145 28.93 -13.21 -28.06
CA HIS E 145 29.31 -14.58 -28.34
C HIS E 145 30.33 -14.54 -29.47
N ARG E 146 31.46 -15.23 -29.30
CA ARG E 146 32.54 -15.24 -30.29
C ARG E 146 32.98 -13.83 -30.68
N GLY E 147 32.97 -12.91 -29.72
CA GLY E 147 33.48 -11.56 -29.95
C GLY E 147 32.52 -10.58 -30.58
N LYS E 148 31.30 -11.03 -30.83
CA LYS E 148 30.31 -10.26 -31.58
C LYS E 148 28.97 -10.20 -30.84
N VAL E 149 28.18 -9.16 -31.07
CA VAL E 149 26.86 -9.07 -30.45
C VAL E 149 26.04 -10.24 -30.95
N LEU E 150 25.57 -11.07 -30.05
CA LEU E 150 24.64 -12.14 -30.38
C LEU E 150 23.20 -11.62 -30.27
N ILE E 151 22.92 -10.88 -29.19
CA ILE E 151 21.57 -10.36 -28.90
C ILE E 151 21.66 -9.05 -28.15
N ASN E 152 20.94 -8.03 -28.59
CA ASN E 152 20.74 -6.85 -27.75
C ASN E 152 19.38 -6.96 -27.09
N ILE E 153 19.37 -6.73 -25.78
CA ILE E 153 18.15 -6.87 -24.96
C ILE E 153 17.80 -5.56 -24.21
N THR E 154 16.53 -5.18 -24.24
CA THR E 154 16.03 -4.10 -23.42
C THR E 154 14.93 -4.65 -22.51
N GLU E 155 15.08 -4.40 -21.22
CA GLU E 155 14.19 -4.95 -20.21
C GLU E 155 13.59 -3.83 -19.40
N PHE E 156 12.31 -3.99 -19.08
CA PHE E 156 11.65 -3.17 -18.06
C PHE E 156 11.11 -4.07 -16.95
N PHE E 157 11.46 -3.74 -15.71
CA PHE E 157 10.89 -4.43 -14.56
C PHE E 157 10.07 -3.45 -13.73
N PRO E 158 8.78 -3.77 -13.50
CA PRO E 158 7.98 -2.88 -12.68
C PRO E 158 8.33 -3.06 -11.20
N MET E 159 8.95 -2.02 -10.64
CA MET E 159 9.47 -2.05 -9.28
C MET E 159 8.46 -2.51 -8.22
N GLU E 160 7.18 -2.20 -8.39
CA GLU E 160 6.20 -2.47 -7.35
C GLU E 160 5.94 -3.96 -7.14
N ARG E 161 6.31 -4.77 -8.13
CA ARG E 161 6.10 -6.22 -8.06
C ARG E 161 7.26 -7.00 -7.44
N PHE E 162 8.34 -6.30 -7.06
CA PHE E 162 9.53 -6.93 -6.45
C PHE E 162 9.74 -6.51 -5.00
N ASN F 4 13.89 -16.81 2.63
CA ASN F 4 13.64 -15.47 2.01
C ASN F 4 14.10 -15.34 0.54
N ALA F 5 13.54 -14.35 -0.19
CA ALA F 5 13.85 -14.18 -1.62
C ALA F 5 15.35 -14.12 -1.93
N ILE F 6 16.13 -13.49 -1.06
CA ILE F 6 17.59 -13.43 -1.25
C ILE F 6 18.17 -14.83 -1.24
N HIS F 7 17.81 -15.60 -0.22
CA HIS F 7 18.23 -16.99 -0.12
C HIS F 7 17.94 -17.67 -1.43
N ARG F 8 16.72 -17.45 -1.94
CA ARG F 8 16.28 -18.14 -3.15
C ARG F 8 17.02 -17.66 -4.40
N ILE F 9 17.29 -16.37 -4.51
CA ILE F 9 18.15 -15.85 -5.56
C ILE F 9 19.54 -16.51 -5.52
N LEU F 10 20.13 -16.51 -4.32
CA LEU F 10 21.44 -17.10 -4.07
C LEU F 10 21.57 -18.57 -4.48
N MET F 11 20.51 -19.35 -4.32
CA MET F 11 20.54 -20.76 -4.69
C MET F 11 20.65 -21.03 -6.19
N THR F 12 20.12 -20.10 -7.01
CA THR F 12 19.96 -20.35 -8.46
C THR F 12 20.72 -19.41 -9.39
N THR F 13 21.36 -18.37 -8.83
CA THR F 13 22.00 -17.32 -9.62
C THR F 13 23.20 -17.84 -10.41
N ASP F 14 23.29 -17.41 -11.67
CA ASP F 14 24.48 -17.64 -12.49
C ASP F 14 25.25 -16.34 -12.68
N GLY F 15 24.87 -15.33 -11.89
CA GLY F 15 25.50 -14.02 -11.96
C GLY F 15 26.46 -13.84 -10.81
N SER F 16 27.11 -12.68 -10.76
CA SER F 16 28.14 -12.36 -9.77
C SER F 16 27.64 -12.38 -8.32
N ILE F 17 28.23 -13.26 -7.52
CA ILE F 17 27.89 -13.37 -6.10
C ILE F 17 28.35 -12.12 -5.36
N THR F 18 29.53 -11.61 -5.73
CA THR F 18 30.01 -10.32 -5.20
C THR F 18 28.98 -9.18 -5.40
N ALA F 19 28.50 -9.02 -6.64
CA ALA F 19 27.49 -7.99 -6.96
C ALA F 19 26.22 -8.20 -6.15
N ILE F 20 25.82 -9.45 -5.96
CA ILE F 20 24.69 -9.75 -5.11
C ILE F 20 24.91 -9.28 -3.68
N ILE F 21 26.07 -9.60 -3.11
CA ILE F 21 26.36 -9.26 -1.71
C ILE F 21 26.43 -7.73 -1.52
N GLU F 22 27.11 -7.06 -2.45
CA GLU F 22 27.20 -5.60 -2.45
C GLU F 22 25.82 -4.96 -2.52
N ALA F 23 24.96 -5.51 -3.40
CA ALA F 23 23.57 -5.04 -3.54
C ALA F 23 22.77 -5.19 -2.24
N VAL F 24 22.92 -6.31 -1.56
CA VAL F 24 22.15 -6.57 -0.34
C VAL F 24 22.66 -5.73 0.85
N THR F 25 23.98 -5.65 0.98
CA THR F 25 24.59 -4.96 2.11
C THR F 25 24.75 -3.44 1.90
N GLN F 26 24.83 -3.03 0.63
CA GLN F 26 25.18 -1.66 0.24
C GLN F 26 26.61 -1.28 0.69
N LYS F 27 27.46 -2.30 0.77
CA LYS F 27 28.85 -2.14 1.14
C LYS F 27 29.70 -2.85 0.09
N LYS F 28 30.99 -2.54 0.10
CA LYS F 28 31.92 -3.08 -0.88
C LYS F 28 32.46 -4.39 -0.29
N VAL F 29 32.54 -5.44 -1.10
CA VAL F 29 33.08 -6.69 -0.57
C VAL F 29 34.59 -6.74 -0.69
N GLU F 30 35.20 -7.29 0.36
CA GLU F 30 36.62 -7.61 0.38
C GLU F 30 36.77 -9.12 0.33
N VAL F 31 37.46 -9.56 -0.71
CA VAL F 31 37.81 -10.95 -0.85
C VAL F 31 39.14 -11.18 -0.11
N GLU F 32 39.12 -12.06 0.87
CA GLU F 32 40.35 -12.52 1.49
C GLU F 32 40.67 -13.89 0.94
N THR F 33 41.85 -14.00 0.32
CA THR F 33 42.44 -15.30 0.03
C THR F 33 43.05 -15.88 1.31
N LEU F 34 42.54 -17.04 1.72
CA LEU F 34 43.03 -17.73 2.89
C LEU F 34 44.18 -18.63 2.54
N GLU F 35 44.15 -19.12 1.31
CA GLU F 35 44.99 -20.22 0.87
C GLU F 35 44.97 -20.28 -0.66
N GLN F 36 46.16 -20.35 -1.25
CA GLN F 36 46.32 -20.70 -2.68
C GLN F 36 47.49 -21.67 -2.84
N LYS F 37 47.16 -22.85 -3.35
CA LYS F 37 48.09 -23.96 -3.54
C LYS F 37 48.02 -24.51 -4.97
N ILE F 38 49.13 -25.01 -5.49
CA ILE F 38 49.09 -25.82 -6.70
C ILE F 38 49.09 -27.29 -6.30
N ILE F 39 48.15 -28.05 -6.85
CA ILE F 39 48.05 -29.48 -6.55
C ILE F 39 48.08 -30.26 -7.85
N ARG F 40 48.40 -31.56 -7.78
CA ARG F 40 48.30 -32.38 -8.98
C ARG F 40 47.05 -33.23 -8.85
N ALA F 41 46.16 -33.11 -9.84
CA ALA F 41 44.89 -33.80 -9.84
C ALA F 41 45.06 -35.29 -9.58
N ASP F 42 44.39 -35.82 -8.56
CA ASP F 42 44.18 -37.27 -8.48
C ASP F 42 43.11 -37.70 -9.49
N ARG F 43 42.75 -38.99 -9.53
CA ARG F 43 41.89 -39.45 -10.61
C ARG F 43 40.47 -38.89 -10.55
N GLU F 44 39.92 -38.78 -9.34
CA GLU F 44 38.59 -38.20 -9.19
C GLU F 44 38.56 -36.75 -9.67
N LEU F 45 39.54 -35.97 -9.22
CA LEU F 45 39.63 -34.55 -9.56
C LEU F 45 39.90 -34.34 -11.06
N ALA F 46 40.79 -35.15 -11.64
CA ALA F 46 41.10 -35.03 -13.06
C ALA F 46 39.86 -35.30 -13.93
N GLU F 47 39.03 -36.25 -13.49
CA GLU F 47 37.71 -36.50 -14.12
C GLU F 47 36.71 -35.33 -13.95
N LEU F 48 36.67 -34.72 -12.76
CA LEU F 48 35.86 -33.54 -12.52
C LEU F 48 36.24 -32.37 -13.41
N LEU F 49 37.53 -32.19 -13.62
CA LEU F 49 38.04 -31.01 -14.32
C LEU F 49 38.36 -31.27 -15.79
N GLU F 50 38.12 -32.50 -16.25
CA GLU F 50 38.34 -32.87 -17.68
C GLU F 50 39.82 -32.69 -18.06
N ILE F 51 40.71 -33.11 -17.15
CA ILE F 51 42.16 -33.09 -17.39
C ILE F 51 42.73 -34.48 -17.11
N ASP F 52 44.05 -34.63 -17.23
CA ASP F 52 44.72 -35.91 -16.95
C ASP F 52 45.15 -35.98 -15.49
N GLU F 53 45.26 -37.20 -14.98
CA GLU F 53 45.78 -37.40 -13.64
C GLU F 53 47.23 -36.87 -13.56
N GLY F 54 47.54 -36.13 -12.51
CA GLY F 54 48.85 -35.45 -12.43
C GLY F 54 48.93 -34.00 -12.91
N ASP F 55 47.91 -33.53 -13.64
CA ASP F 55 47.92 -32.17 -14.16
C ASP F 55 47.81 -31.15 -13.02
N GLU F 56 48.39 -29.96 -13.24
CA GLU F 56 48.42 -28.90 -12.22
C GLU F 56 47.08 -28.21 -12.10
N VAL F 57 46.72 -27.91 -10.86
CA VAL F 57 45.45 -27.29 -10.54
C VAL F 57 45.68 -26.29 -9.43
N ASN F 58 45.21 -25.06 -9.66
CA ASN F 58 45.22 -24.02 -8.66
C ASN F 58 44.05 -24.26 -7.71
N TYR F 59 44.35 -24.38 -6.43
CA TYR F 59 43.34 -24.59 -5.43
C TYR F 59 43.27 -23.31 -4.58
N ARG F 60 42.13 -22.62 -4.60
CA ARG F 60 42.00 -21.39 -3.82
C ARG F 60 40.83 -21.47 -2.82
N VAL F 61 41.07 -20.98 -1.61
CA VAL F 61 40.02 -20.78 -0.59
C VAL F 61 39.96 -19.30 -0.23
N VAL F 62 38.75 -18.74 -0.24
CA VAL F 62 38.54 -17.32 0.01
C VAL F 62 37.28 -17.08 0.88
N TYR F 63 37.28 -15.93 1.56
CA TYR F 63 36.07 -15.40 2.17
C TYR F 63 35.67 -14.15 1.44
N LEU F 64 34.37 -13.98 1.20
CA LEU F 64 33.86 -12.70 0.77
C LEU F 64 33.30 -11.99 2.00
N ARG F 65 33.91 -10.86 2.36
CA ARG F 65 33.50 -10.09 3.51
C ARG F 65 32.82 -8.77 3.14
N ALA F 66 31.76 -8.44 3.85
CA ALA F 66 31.12 -7.13 3.75
C ALA F 66 30.90 -6.69 5.19
N ASN F 67 31.30 -5.45 5.49
CA ASN F 67 31.67 -5.09 6.85
C ASN F 67 32.89 -5.97 7.15
N GLY F 68 32.96 -6.44 8.39
CA GLY F 68 33.95 -7.46 8.74
C GLY F 68 33.21 -8.76 8.99
N GLU F 69 32.12 -8.99 8.24
CA GLU F 69 31.39 -10.25 8.31
C GLU F 69 31.61 -11.10 7.05
N ILE F 70 31.68 -12.42 7.25
CA ILE F 70 31.84 -13.36 6.13
C ILE F 70 30.48 -13.63 5.51
N TYR F 71 30.30 -13.20 4.27
CA TYR F 71 29.06 -13.47 3.54
C TYR F 71 29.15 -14.69 2.64
N ALA F 72 30.38 -15.16 2.40
CA ALA F 72 30.61 -16.37 1.62
C ALA F 72 32.01 -16.95 1.83
N LYS F 73 32.06 -18.28 1.86
CA LYS F 73 33.31 -18.99 1.69
C LYS F 73 33.28 -19.70 0.33
N ALA F 74 34.38 -19.60 -0.41
CA ALA F 74 34.44 -20.21 -1.72
C ALA F 74 35.75 -20.97 -1.93
N ILE F 75 35.63 -22.14 -2.55
CA ILE F 75 36.75 -23.01 -2.88
C ILE F 75 36.68 -23.29 -4.37
N SER F 76 37.75 -22.98 -5.07
CA SER F 76 37.81 -23.16 -6.50
C SER F 76 39.01 -24.02 -6.85
N PHE F 77 38.82 -24.83 -7.88
CA PHE F 77 39.86 -25.57 -8.54
C PHE F 77 39.89 -25.08 -9.98
N THR F 78 41.09 -24.69 -10.44
CA THR F 78 41.29 -24.21 -11.81
C THR F 78 42.46 -24.95 -12.45
N PRO F 79 42.18 -25.79 -13.46
CA PRO F 79 43.32 -26.40 -14.20
C PRO F 79 44.22 -25.36 -14.89
N LEU F 80 45.52 -25.48 -14.69
CA LEU F 80 46.49 -24.52 -15.22
C LEU F 80 46.70 -24.58 -16.72
N LYS F 81 46.69 -25.79 -17.26
CA LYS F 81 47.01 -26.01 -18.68
C LYS F 81 45.92 -25.41 -19.57
N ARG F 82 44.88 -24.90 -18.95
CA ARG F 82 43.72 -24.41 -19.65
C ARG F 82 43.77 -22.89 -19.84
N LEU F 83 44.75 -22.26 -19.19
CA LEU F 83 44.82 -20.83 -19.02
C LEU F 83 45.79 -20.14 -20.00
N GLU F 84 45.35 -19.01 -20.55
CA GLU F 84 46.25 -18.09 -21.27
C GLU F 84 47.26 -17.47 -20.27
N ASN F 85 48.42 -16.99 -20.76
CA ASN F 85 49.52 -16.55 -19.91
C ASN F 85 49.16 -15.50 -18.85
N SER F 86 48.51 -14.42 -19.29
CA SER F 86 48.23 -13.27 -18.42
C SER F 86 47.08 -13.54 -17.44
N PHE F 87 46.11 -14.33 -17.86
CA PHE F 87 45.10 -14.84 -16.95
C PHE F 87 45.80 -15.67 -15.87
N ARG F 88 46.66 -16.59 -16.29
CA ARG F 88 47.41 -17.42 -15.36
C ARG F 88 48.25 -16.57 -14.39
N GLU F 89 48.91 -15.54 -14.92
CA GLU F 89 49.68 -14.62 -14.10
C GLU F 89 48.82 -13.93 -13.05
N ASP F 90 47.67 -13.42 -13.48
CA ASP F 90 46.74 -12.77 -12.59
C ASP F 90 46.34 -13.73 -11.48
N LEU F 91 46.09 -14.99 -11.85
CA LEU F 91 45.66 -15.99 -10.87
C LEU F 91 46.74 -16.30 -9.84
N MET F 92 47.97 -16.45 -10.31
CA MET F 92 49.11 -16.76 -9.45
C MET F 92 49.39 -15.69 -8.40
N ARG F 93 49.00 -14.46 -8.68
CA ARG F 93 49.17 -13.35 -7.71
C ARG F 93 48.37 -13.61 -6.43
N ALA F 94 47.21 -14.27 -6.59
CA ALA F 94 46.27 -14.58 -5.51
C ALA F 94 45.49 -13.37 -4.94
N ASP F 95 45.78 -12.16 -5.42
CA ASP F 95 45.12 -10.99 -4.85
C ASP F 95 44.08 -10.36 -5.79
N ILE F 96 43.81 -10.99 -6.93
CA ILE F 96 42.68 -10.59 -7.79
C ILE F 96 41.64 -11.71 -7.77
N PRO F 97 40.40 -11.37 -7.34
CA PRO F 97 39.35 -12.37 -7.22
C PRO F 97 39.06 -12.98 -8.58
N ILE F 98 38.74 -14.27 -8.59
CA ILE F 98 38.52 -14.99 -9.83
C ILE F 98 37.50 -14.30 -10.73
N GLY F 99 36.45 -13.77 -10.12
CA GLY F 99 35.41 -13.04 -10.84
C GLY F 99 35.96 -11.84 -11.57
N LYS F 100 36.86 -11.09 -10.92
CA LYS F 100 37.49 -9.94 -11.56
C LYS F 100 38.42 -10.33 -12.69
N ILE F 101 39.12 -11.44 -12.52
CA ILE F 101 39.97 -12.01 -13.60
C ILE F 101 39.13 -12.44 -14.83
N MET F 102 38.03 -13.14 -14.58
CA MET F 102 37.07 -13.50 -15.63
C MET F 102 36.64 -12.26 -16.41
N ARG F 103 36.26 -11.21 -15.68
CA ARG F 103 35.80 -9.97 -16.30
C ARG F 103 36.90 -9.21 -17.06
N LYS F 104 38.10 -9.19 -16.49
CA LYS F 104 39.23 -8.42 -17.01
C LYS F 104 39.66 -8.97 -18.36
N HIS F 105 39.61 -10.29 -18.49
CA HIS F 105 40.01 -10.97 -19.72
C HIS F 105 38.81 -11.29 -20.59
N ASN F 106 37.65 -10.70 -20.28
CA ASN F 106 36.41 -10.87 -21.07
C ASN F 106 36.09 -12.30 -21.47
N ILE F 107 36.14 -13.23 -20.52
CA ILE F 107 35.92 -14.65 -20.81
C ILE F 107 34.46 -14.99 -21.12
N GLU F 108 34.26 -15.63 -22.26
CA GLU F 108 32.97 -16.17 -22.64
C GLU F 108 32.86 -17.57 -22.07
N ALA F 109 31.85 -17.78 -21.23
CA ALA F 109 31.66 -19.04 -20.58
C ALA F 109 30.18 -19.34 -20.42
N ARG F 110 29.86 -20.59 -20.12
CA ARG F 110 28.58 -20.98 -19.53
C ARG F 110 28.84 -21.76 -18.24
N ARG F 111 27.75 -22.20 -17.61
CA ARG F 111 27.78 -22.78 -16.29
C ARG F 111 26.95 -24.06 -16.22
N GLU F 112 27.46 -25.03 -15.46
CA GLU F 112 26.72 -26.23 -15.10
C GLU F 112 26.65 -26.27 -13.57
N ILE F 113 25.45 -26.12 -13.01
CA ILE F 113 25.22 -26.41 -11.58
C ILE F 113 25.35 -27.91 -11.37
N ARG F 114 26.13 -28.30 -10.39
CA ARG F 114 26.20 -29.69 -10.02
C ARG F 114 25.33 -29.95 -8.78
N TRP F 115 25.28 -28.99 -7.87
CA TRP F 115 24.37 -29.07 -6.72
C TRP F 115 24.17 -27.72 -6.11
N SER F 116 23.01 -27.56 -5.47
CA SER F 116 22.61 -26.35 -4.80
C SER F 116 21.59 -26.78 -3.75
N ARG F 117 21.90 -26.54 -2.49
CA ARG F 117 21.06 -27.02 -1.40
C ARG F 117 21.23 -26.16 -0.16
N VAL F 118 20.25 -26.29 0.73
CA VAL F 118 20.40 -25.78 2.09
C VAL F 118 20.77 -26.97 3.00
N GLU F 119 21.78 -26.76 3.83
CA GLU F 119 22.25 -27.81 4.71
C GLU F 119 22.73 -27.22 6.04
N GLU F 120 22.77 -28.09 7.05
CA GLU F 120 23.33 -27.72 8.32
C GLU F 120 24.84 -27.78 8.20
N ALA F 121 25.49 -26.65 8.48
CA ALA F 121 26.95 -26.61 8.48
C ALA F 121 27.48 -27.47 9.63
N ASP F 122 28.62 -28.14 9.42
CA ASP F 122 29.27 -28.83 10.53
C ASP F 122 29.89 -27.84 11.51
N LEU F 123 30.20 -28.32 12.71
CA LEU F 123 30.70 -27.49 13.80
C LEU F 123 31.88 -26.61 13.39
N ALA F 124 32.80 -27.18 12.62
CA ALA F 124 34.01 -26.48 12.26
C ALA F 124 33.70 -25.32 11.31
N LEU F 125 32.79 -25.55 10.37
CA LEU F 125 32.41 -24.53 9.41
C LEU F 125 31.57 -23.44 10.06
N ALA F 126 30.63 -23.85 10.94
CA ALA F 126 29.84 -22.89 11.73
C ALA F 126 30.73 -21.98 12.57
N LYS F 127 31.75 -22.54 13.22
CA LYS F 127 32.74 -21.75 14.00
C LYS F 127 33.48 -20.79 13.06
N GLU F 128 34.00 -21.35 11.98
CA GLU F 128 34.75 -20.59 10.99
C GLU F 128 33.91 -19.43 10.48
N LEU F 129 32.66 -19.70 10.10
CA LEU F 129 31.78 -18.64 9.62
C LEU F 129 31.23 -17.75 10.74
N GLY F 130 31.41 -18.20 11.99
CA GLY F 130 30.91 -17.45 13.15
C GLY F 130 29.39 -17.34 13.21
N ILE F 131 28.68 -18.40 12.80
CA ILE F 131 27.21 -18.37 12.76
C ILE F 131 26.51 -19.12 13.91
N ALA F 132 25.40 -18.55 14.40
CA ALA F 132 24.56 -19.21 15.41
C ALA F 132 23.61 -20.21 14.76
N ASP F 133 22.80 -19.72 13.83
CA ASP F 133 22.02 -20.56 12.93
C ASP F 133 22.99 -21.21 11.94
N ARG F 134 23.15 -22.52 12.06
CA ARG F 134 24.09 -23.32 11.26
C ARG F 134 23.71 -23.61 9.77
N ARG F 135 22.54 -23.17 9.34
CA ARG F 135 22.09 -23.38 7.96
C ARG F 135 22.89 -22.54 6.96
N VAL F 136 23.44 -23.21 5.96
CA VAL F 136 24.19 -22.58 4.87
C VAL F 136 23.61 -23.04 3.58
N ILE F 137 23.61 -22.15 2.58
CA ILE F 137 23.43 -22.56 1.19
C ILE F 137 24.78 -23.05 0.71
N SER F 138 24.79 -24.26 0.18
CA SER F 138 25.99 -24.87 -0.30
C SER F 138 25.74 -25.17 -1.75
N ARG F 139 26.67 -24.76 -2.62
CA ARG F 139 26.57 -25.08 -4.02
C ARG F 139 27.90 -25.39 -4.69
N ASN F 140 27.80 -26.15 -5.77
CA ASN F 140 28.95 -26.46 -6.58
C ASN F 140 28.54 -26.41 -8.03
N TYR F 141 29.37 -25.71 -8.82
CA TYR F 141 29.17 -25.58 -10.24
C TYR F 141 30.50 -25.54 -10.99
N ASN F 142 30.45 -25.91 -12.27
CA ASN F 142 31.57 -25.77 -13.18
C ASN F 142 31.37 -24.56 -14.06
N ILE F 143 32.46 -23.84 -14.29
CA ILE F 143 32.52 -22.82 -15.35
C ILE F 143 33.16 -23.50 -16.56
N ILE F 144 32.47 -23.40 -17.70
CA ILE F 144 32.85 -24.03 -18.96
C ILE F 144 33.34 -22.97 -19.93
N HIS F 145 34.53 -23.18 -20.48
CA HIS F 145 35.10 -22.28 -21.49
C HIS F 145 35.71 -23.17 -22.57
N ARG F 146 35.48 -22.83 -23.85
CA ARG F 146 35.91 -23.66 -24.99
C ARG F 146 35.49 -25.14 -24.86
N GLY F 147 34.26 -25.35 -24.38
CA GLY F 147 33.69 -26.68 -24.24
C GLY F 147 34.29 -27.55 -23.15
N LYS F 148 35.20 -26.98 -22.36
CA LYS F 148 35.84 -27.73 -21.28
C LYS F 148 35.73 -26.98 -19.95
N VAL F 149 35.83 -27.72 -18.85
CA VAL F 149 35.81 -27.11 -17.54
C VAL F 149 37.00 -26.15 -17.38
N LEU F 150 36.70 -24.91 -17.04
CA LEU F 150 37.72 -23.91 -16.71
C LEU F 150 37.92 -23.80 -15.19
N ILE F 151 36.82 -23.83 -14.42
CA ILE F 151 36.89 -23.71 -12.96
C ILE F 151 35.77 -24.52 -12.34
N ASN F 152 36.08 -25.30 -11.31
CA ASN F 152 35.03 -25.80 -10.40
C ASN F 152 34.99 -24.96 -9.13
N ILE F 153 33.80 -24.45 -8.80
CA ILE F 153 33.59 -23.61 -7.62
C ILE F 153 32.59 -24.20 -6.60
N THR F 154 33.00 -24.26 -5.34
CA THR F 154 32.14 -24.61 -4.20
C THR F 154 31.92 -23.34 -3.37
N GLU F 155 30.66 -23.01 -3.07
CA GLU F 155 30.34 -21.78 -2.31
C GLU F 155 29.47 -22.13 -1.12
N PHE F 156 29.74 -21.53 0.03
CA PHE F 156 28.86 -21.63 1.20
C PHE F 156 28.36 -20.27 1.64
N PHE F 157 27.04 -20.12 1.69
CA PHE F 157 26.45 -18.86 2.09
C PHE F 157 25.78 -19.05 3.43
N PRO F 158 26.30 -18.37 4.48
CA PRO F 158 25.62 -18.38 5.78
C PRO F 158 24.26 -17.68 5.72
N MET F 159 23.19 -18.44 5.87
CA MET F 159 21.82 -17.95 5.72
C MET F 159 21.41 -16.75 6.57
N GLU F 160 21.85 -16.70 7.82
CA GLU F 160 21.45 -15.65 8.77
C GLU F 160 22.04 -14.28 8.41
N ARG F 161 23.08 -14.27 7.58
CA ARG F 161 23.63 -13.01 7.10
C ARG F 161 22.78 -12.35 5.99
N PHE F 162 21.79 -13.07 5.46
CA PHE F 162 21.02 -12.60 4.31
C PHE F 162 19.51 -12.41 4.57
#